data_3VOM
#
_entry.id   3VOM
#
_cell.length_a   77.320
_cell.length_b   94.340
_cell.length_c   101.020
_cell.angle_alpha   90.00
_cell.angle_beta   90.00
_cell.angle_gamma   90.00
#
_symmetry.space_group_name_H-M   'P 21 21 21'
#
loop_
_entity.id
_entity.type
_entity.pdbx_description
1 polymer 'Putative phosphoserine aminotransferase'
2 non-polymer "PYRIDOXAL-5'-PHOSPHATE"
3 non-polymer 'SULFATE ION'
4 non-polymer GLYCEROL
5 water water
#
_entity_poly.entity_id   1
_entity_poly.type   'polypeptide(L)'
_entity_poly.pdbx_seq_one_letter_code
;MSYYHHHHHHLESTSLYKKAGFMADQLTPHLEIPTAIKPRDGRFGSGPSKVRLEQLQTLTTTAAALFGTSHRQAPVKNLV
GRVRSGLAELFSLPDGYEVILGNGGATAFWDAAAFGLIDKRSLHLTYGEFSAKFASAVSKNPFVGEPIIITSDPGSAPEP
QTDPSVDVIAWAHNETSTGVAVAVRRPEGSDDALVVIDATSGAGGLPVDIAETDAYYFAPQKNFASDGGLWLAIMSPAAL
SRIEAIAATGRWVPDFLSLPIAVENSLKNQTYNTPAIATLALLAEQIDWLVGNGGLDWAVKRTADSSQRLYSWAQERPYT
TPFVTDPGLRSQVVGTIDFVDDVDAGTVAKILRANGIVDTEPYRKLGRNQLRVAMFPAVEPDDVSALTECVDWVVERL
;
_entity_poly.pdbx_strand_id   A,B
#
# COMPACT_ATOMS: atom_id res chain seq x y z
N LEU A 31 31.77 -17.96 12.30
CA LEU A 31 32.63 -16.78 12.51
C LEU A 31 31.88 -15.67 13.24
N GLU A 32 32.45 -15.18 14.34
CA GLU A 32 31.87 -14.08 15.10
C GLU A 32 32.71 -12.84 14.90
N ILE A 33 32.17 -11.85 14.14
CA ILE A 33 32.83 -10.58 13.83
C ILE A 33 32.97 -9.76 15.13
N PRO A 34 34.17 -9.23 15.45
CA PRO A 34 34.32 -8.43 16.69
C PRO A 34 33.47 -7.18 16.62
N THR A 35 32.77 -6.87 17.74
CA THR A 35 31.84 -5.75 17.86
C THR A 35 32.50 -4.40 17.49
N ALA A 36 33.77 -4.19 17.89
CA ALA A 36 34.55 -2.97 17.65
C ALA A 36 34.63 -2.54 16.18
N ILE A 37 34.52 -3.49 15.23
CA ILE A 37 34.60 -3.15 13.80
C ILE A 37 33.22 -3.15 13.11
N LYS A 38 32.17 -3.64 13.80
CA LYS A 38 30.83 -3.73 13.22
C LYS A 38 30.17 -2.37 13.00
N PRO A 39 29.36 -2.19 11.91
CA PRO A 39 28.65 -0.90 11.75
C PRO A 39 27.60 -0.72 12.85
N ARG A 40 27.26 0.52 13.19
CA ARG A 40 26.24 0.83 14.21
C ARG A 40 24.86 0.28 13.78
N ASP A 41 24.55 0.34 12.47
CA ASP A 41 23.33 -0.22 11.88
C ASP A 41 23.74 -1.16 10.75
N GLY A 42 23.33 -2.42 10.83
CA GLY A 42 23.67 -3.46 9.87
C GLY A 42 22.77 -3.61 8.65
N ARG A 43 21.81 -2.68 8.47
CA ARG A 43 20.88 -2.73 7.32
C ARG A 43 21.49 -2.04 6.08
N PHE A 44 21.85 -2.85 5.07
CA PHE A 44 22.42 -2.35 3.81
C PHE A 44 21.52 -2.78 2.62
N GLY A 45 20.28 -3.15 2.93
CA GLY A 45 19.25 -3.52 1.95
C GLY A 45 18.89 -2.35 1.06
N SER A 46 18.55 -2.64 -0.21
CA SER A 46 18.27 -1.68 -1.27
C SER A 46 16.76 -1.36 -1.45
N GLY A 47 15.97 -1.63 -0.42
CA GLY A 47 14.54 -1.39 -0.46
C GLY A 47 13.76 -2.64 -0.11
N PRO A 48 13.15 -2.74 1.10
CA PRO A 48 13.18 -1.77 2.22
C PRO A 48 14.61 -1.50 2.69
N SER A 49 14.81 -0.37 3.33
CA SER A 49 16.14 0.04 3.77
C SER A 49 16.05 0.70 5.11
N LYS A 50 17.21 0.92 5.75
CA LYS A 50 17.38 1.48 7.08
C LYS A 50 16.33 2.54 7.44
N VAL A 51 15.59 2.30 8.53
CA VAL A 51 14.63 3.25 9.06
C VAL A 51 15.30 3.78 10.34
N ARG A 52 15.60 5.09 10.36
CA ARG A 52 16.31 5.71 11.49
C ARG A 52 15.50 5.59 12.78
N LEU A 53 16.20 5.29 13.87
CA LEU A 53 15.65 5.06 15.20
C LEU A 53 14.68 6.19 15.62
N GLU A 54 15.09 7.47 15.48
CA GLU A 54 14.28 8.62 15.86
CA GLU A 54 14.28 8.62 15.86
C GLU A 54 13.09 8.82 14.92
N GLN A 55 13.22 8.36 13.66
CA GLN A 55 12.17 8.48 12.66
C GLN A 55 11.07 7.44 12.99
N LEU A 56 11.46 6.15 13.20
CA LEU A 56 10.50 5.12 13.59
C LEU A 56 9.75 5.51 14.90
N GLN A 57 10.44 6.18 15.84
CA GLN A 57 9.86 6.57 17.15
C GLN A 57 8.69 7.59 17.02
N THR A 58 8.61 8.37 15.92
CA THR A 58 7.52 9.33 15.71
C THR A 58 6.15 8.60 15.61
N LEU A 59 6.14 7.32 15.19
CA LEU A 59 4.93 6.51 15.03
C LEU A 59 4.14 6.35 16.35
N THR A 60 4.84 6.20 17.49
CA THR A 60 4.21 6.05 18.81
C THR A 60 4.13 7.40 19.55
N THR A 61 4.65 8.49 18.96
CA THR A 61 4.68 9.79 19.64
C THR A 61 3.90 10.88 18.86
N THR A 62 4.61 11.71 18.05
CA THR A 62 4.03 12.83 17.27
C THR A 62 2.99 12.38 16.23
N ALA A 63 3.06 11.14 15.74
CA ALA A 63 2.12 10.62 14.75
C ALA A 63 1.06 9.70 15.37
N ALA A 64 1.18 9.34 16.68
CA ALA A 64 0.24 8.41 17.34
C ALA A 64 -1.25 8.80 17.17
N ALA A 65 -1.58 10.12 17.22
CA ALA A 65 -2.94 10.68 17.12
C ALA A 65 -3.48 10.67 15.69
N LEU A 66 -2.61 10.55 14.68
CA LEU A 66 -3.04 10.50 13.29
C LEU A 66 -3.55 9.11 12.92
N PHE A 67 -2.94 8.05 13.51
CA PHE A 67 -3.31 6.66 13.25
C PHE A 67 -4.78 6.44 13.53
N GLY A 68 -5.42 5.69 12.65
CA GLY A 68 -6.82 5.34 12.80
C GLY A 68 -7.80 6.48 12.65
N THR A 69 -7.37 7.56 11.97
CA THR A 69 -8.23 8.73 11.70
C THR A 69 -8.40 8.85 10.19
N SER A 70 -9.51 9.47 9.79
CA SER A 70 -9.93 9.56 8.40
C SER A 70 -8.98 10.29 7.47
N HIS A 71 -8.72 9.66 6.31
CA HIS A 71 -7.90 10.23 5.26
C HIS A 71 -8.74 11.27 4.48
N ARG A 72 -10.04 11.43 4.83
CA ARG A 72 -10.95 12.41 4.22
C ARG A 72 -11.16 13.59 5.19
N GLN A 73 -10.40 13.63 6.30
CA GLN A 73 -10.50 14.71 7.30
C GLN A 73 -9.16 15.47 7.38
N ALA A 74 -9.17 16.71 7.90
CA ALA A 74 -8.00 17.60 7.95
C ALA A 74 -6.73 16.97 8.59
N PRO A 75 -6.72 16.26 9.74
CA PRO A 75 -5.42 15.79 10.28
C PRO A 75 -4.62 14.90 9.30
N VAL A 76 -5.23 13.89 8.64
CA VAL A 76 -4.48 13.04 7.70
C VAL A 76 -4.25 13.82 6.37
N LYS A 77 -5.22 14.64 5.92
CA LYS A 77 -5.04 15.44 4.69
C LYS A 77 -3.85 16.41 4.87
N ASN A 78 -3.64 16.94 6.11
CA ASN A 78 -2.52 17.86 6.38
CA ASN A 78 -2.51 17.84 6.41
C ASN A 78 -1.20 17.09 6.29
N LEU A 79 -1.19 15.78 6.69
CA LEU A 79 0.01 14.92 6.60
C LEU A 79 0.39 14.72 5.13
N VAL A 80 -0.62 14.45 4.25
CA VAL A 80 -0.39 14.32 2.81
C VAL A 80 0.15 15.67 2.30
N GLY A 81 -0.44 16.78 2.77
CA GLY A 81 -0.01 18.14 2.44
C GLY A 81 1.45 18.39 2.77
N ARG A 82 1.92 17.91 3.95
CA ARG A 82 3.31 18.00 4.41
C ARG A 82 4.24 17.26 3.45
N VAL A 83 3.79 16.07 3.00
CA VAL A 83 4.55 15.21 2.08
C VAL A 83 4.70 15.92 0.75
N ARG A 84 3.59 16.46 0.19
CA ARG A 84 3.57 17.13 -1.12
C ARG A 84 4.40 18.41 -1.13
N SER A 85 4.21 19.30 -0.14
CA SER A 85 4.99 20.54 -0.10
C SER A 85 6.47 20.22 0.25
N GLY A 86 6.71 19.23 1.08
CA GLY A 86 8.06 18.80 1.44
C GLY A 86 8.83 18.31 0.23
N LEU A 87 8.20 17.45 -0.60
CA LEU A 87 8.81 16.98 -1.86
C LEU A 87 8.98 18.12 -2.87
N ALA A 88 8.01 19.07 -2.93
CA ALA A 88 8.10 20.23 -3.80
C ALA A 88 9.36 21.06 -3.47
N GLU A 89 9.66 21.22 -2.17
CA GLU A 89 10.83 21.95 -1.68
C GLU A 89 12.11 21.16 -1.98
N LEU A 90 12.15 19.88 -1.55
CA LEU A 90 13.31 19.01 -1.74
C LEU A 90 13.73 18.91 -3.22
N PHE A 91 12.76 18.79 -4.14
CA PHE A 91 13.08 18.64 -5.56
C PHE A 91 13.00 19.92 -6.36
N SER A 92 12.90 21.12 -5.69
CA SER A 92 12.88 22.46 -6.33
C SER A 92 11.95 22.46 -7.55
N LEU A 93 10.72 22.03 -7.36
CA LEU A 93 9.74 21.88 -8.44
C LEU A 93 9.51 23.18 -9.22
N PRO A 94 9.69 23.17 -10.55
CA PRO A 94 9.35 24.35 -11.35
C PRO A 94 7.84 24.62 -11.29
N ASP A 95 7.41 25.81 -11.77
CA ASP A 95 6.00 26.20 -11.83
C ASP A 95 5.15 25.18 -12.56
N GLY A 96 3.98 24.87 -12.00
CA GLY A 96 3.01 23.95 -12.59
C GLY A 96 3.29 22.48 -12.38
N TYR A 97 4.47 22.14 -11.83
CA TYR A 97 4.76 20.73 -11.52
C TYR A 97 3.99 20.34 -10.27
N GLU A 98 3.51 19.09 -10.23
CA GLU A 98 2.70 18.63 -9.10
C GLU A 98 3.15 17.28 -8.59
N VAL A 99 2.97 17.08 -7.27
CA VAL A 99 3.24 15.83 -6.58
C VAL A 99 1.94 15.03 -6.59
N ILE A 100 1.96 13.92 -7.30
CA ILE A 100 0.81 13.03 -7.44
C ILE A 100 1.12 11.77 -6.70
N LEU A 101 0.11 11.18 -6.05
CA LEU A 101 0.36 9.95 -5.30
C LEU A 101 -0.85 9.02 -5.33
N GLY A 102 -0.58 7.76 -5.03
CA GLY A 102 -1.60 6.71 -4.99
C GLY A 102 -1.07 5.44 -4.39
N ASN A 103 -1.97 4.52 -3.96
CA ASN A 103 -1.50 3.24 -3.42
C ASN A 103 -0.92 2.34 -4.47
N GLY A 104 -0.04 1.44 -4.03
CA GLY A 104 0.46 0.36 -4.86
C GLY A 104 1.95 0.15 -4.92
N GLY A 105 2.70 1.22 -4.83
CA GLY A 105 4.14 1.15 -4.97
C GLY A 105 4.49 1.40 -6.43
N ALA A 106 5.79 1.38 -6.77
CA ALA A 106 6.24 1.72 -8.13
C ALA A 106 5.75 0.75 -9.21
N THR A 107 5.60 -0.56 -8.87
CA THR A 107 5.09 -1.59 -9.77
C THR A 107 3.68 -1.24 -10.24
N ALA A 108 2.83 -0.69 -9.33
CA ALA A 108 1.48 -0.27 -9.73
C ALA A 108 1.55 0.93 -10.67
N PHE A 109 2.52 1.85 -10.43
CA PHE A 109 2.67 3.02 -11.29
C PHE A 109 3.03 2.60 -12.73
N TRP A 110 3.82 1.52 -12.95
CA TRP A 110 4.13 1.06 -14.31
C TRP A 110 2.86 0.79 -15.12
N ASP A 111 1.91 0.07 -14.50
CA ASP A 111 0.65 -0.28 -15.16
C ASP A 111 -0.24 0.96 -15.33
N ALA A 112 -0.27 1.84 -14.32
CA ALA A 112 -1.03 3.10 -14.38
C ALA A 112 -0.50 4.01 -15.49
N ALA A 113 0.85 4.07 -15.66
CA ALA A 113 1.52 4.89 -16.68
C ALA A 113 1.28 4.31 -18.08
N ALA A 114 1.27 2.96 -18.23
CA ALA A 114 1.04 2.31 -19.53
C ALA A 114 -0.37 2.65 -20.04
N PHE A 115 -1.34 2.72 -19.12
CA PHE A 115 -2.72 3.07 -19.43
C PHE A 115 -2.90 4.57 -19.62
N GLY A 116 -2.28 5.35 -18.74
CA GLY A 116 -2.51 6.79 -18.61
C GLY A 116 -1.54 7.82 -19.13
N LEU A 117 -0.29 7.45 -19.39
CA LEU A 117 0.69 8.44 -19.88
C LEU A 117 1.09 8.21 -21.31
N ILE A 118 1.11 6.93 -21.72
CA ILE A 118 1.52 6.58 -23.06
C ILE A 118 0.32 6.73 -23.93
N ASP A 119 0.49 7.48 -25.01
CA ASP A 119 -0.60 7.66 -25.96
C ASP A 119 -0.55 6.53 -27.02
N LYS A 120 0.44 6.53 -27.90
CA LYS A 120 0.49 5.49 -28.94
C LYS A 120 1.65 4.56 -28.79
N ARG A 121 2.85 5.10 -28.49
CA ARG A 121 4.05 4.30 -28.43
C ARG A 121 5.11 4.90 -27.50
N SER A 122 5.91 4.04 -26.89
CA SER A 122 6.98 4.46 -25.99
C SER A 122 8.31 3.86 -26.41
N LEU A 123 9.40 4.51 -26.01
CA LEU A 123 10.75 4.02 -26.19
C LEU A 123 11.27 3.77 -24.78
N HIS A 124 11.83 2.57 -24.54
CA HIS A 124 12.36 2.23 -23.22
C HIS A 124 13.81 1.86 -23.31
N LEU A 125 14.61 2.31 -22.32
CA LEU A 125 15.98 1.82 -22.15
C LEU A 125 15.90 0.68 -21.09
N THR A 126 16.47 -0.50 -21.38
CA THR A 126 16.44 -1.63 -20.46
C THR A 126 17.87 -2.14 -20.24
N TYR A 127 18.27 -2.33 -18.95
CA TYR A 127 19.64 -2.69 -18.56
C TYR A 127 19.67 -3.33 -17.15
N GLY A 128 18.54 -3.95 -16.80
CA GLY A 128 18.36 -4.63 -15.53
C GLY A 128 16.91 -4.94 -15.24
N GLU A 129 16.64 -5.50 -14.07
CA GLU A 129 15.31 -5.93 -13.67
C GLU A 129 14.19 -4.89 -13.84
N PHE A 130 14.31 -3.75 -13.17
CA PHE A 130 13.23 -2.79 -13.09
C PHE A 130 12.99 -2.01 -14.40
N SER A 131 14.06 -1.62 -15.12
CA SER A 131 13.90 -0.93 -16.41
C SER A 131 13.25 -1.89 -17.42
N ALA A 132 13.69 -3.18 -17.41
CA ALA A 132 13.14 -4.23 -18.29
C ALA A 132 11.70 -4.55 -17.95
N LYS A 133 11.34 -4.64 -16.63
CA LYS A 133 9.99 -4.99 -16.23
C LYS A 133 8.94 -3.94 -16.68
N PHE A 134 9.30 -2.64 -16.65
CA PHE A 134 8.36 -1.60 -17.13
C PHE A 134 8.13 -1.77 -18.64
N ALA A 135 9.20 -1.99 -19.42
CA ALA A 135 9.09 -2.20 -20.87
C ALA A 135 8.24 -3.43 -21.19
N SER A 136 8.40 -4.50 -20.37
CA SER A 136 7.66 -5.75 -20.52
C SER A 136 6.17 -5.53 -20.21
N ALA A 137 5.85 -4.75 -19.15
CA ALA A 137 4.46 -4.42 -18.81
C ALA A 137 3.79 -3.65 -19.97
N VAL A 138 4.52 -2.68 -20.59
CA VAL A 138 4.05 -1.87 -21.74
C VAL A 138 3.85 -2.76 -22.98
N SER A 139 4.79 -3.72 -23.24
CA SER A 139 4.69 -4.63 -24.39
CA SER A 139 4.69 -4.64 -24.38
CA SER A 139 4.71 -4.66 -24.38
C SER A 139 3.43 -5.49 -24.30
N LYS A 140 3.09 -5.98 -23.09
CA LYS A 140 1.90 -6.82 -22.89
C LYS A 140 0.58 -6.02 -22.83
N ASN A 141 0.63 -4.72 -22.48
CA ASN A 141 -0.58 -3.89 -22.34
C ASN A 141 -1.28 -3.68 -23.73
N PRO A 142 -2.54 -4.19 -23.92
CA PRO A 142 -3.19 -4.09 -25.24
C PRO A 142 -3.88 -2.76 -25.50
N PHE A 143 -3.57 -1.71 -24.73
CA PHE A 143 -4.17 -0.39 -24.90
C PHE A 143 -3.16 0.56 -25.54
N VAL A 144 -1.88 0.15 -25.66
CA VAL A 144 -0.83 0.99 -26.28
C VAL A 144 -0.03 0.15 -27.29
N GLY A 145 0.74 0.84 -28.15
CA GLY A 145 1.52 0.18 -29.20
C GLY A 145 2.70 -0.61 -28.67
N GLU A 146 3.40 -1.30 -29.60
CA GLU A 146 4.59 -2.11 -29.30
C GLU A 146 5.77 -1.17 -29.01
N PRO A 147 6.35 -1.20 -27.81
CA PRO A 147 7.44 -0.24 -27.52
C PRO A 147 8.74 -0.54 -28.25
N ILE A 148 9.55 0.52 -28.46
CA ILE A 148 10.91 0.40 -28.97
C ILE A 148 11.74 0.10 -27.72
N ILE A 149 12.50 -0.99 -27.74
CA ILE A 149 13.30 -1.33 -26.57
C ILE A 149 14.79 -1.26 -26.96
N ILE A 150 15.55 -0.43 -26.22
CA ILE A 150 17.00 -0.29 -26.40
C ILE A 150 17.65 -0.93 -25.21
N THR A 151 18.34 -2.04 -25.43
CA THR A 151 18.95 -2.79 -24.36
C THR A 151 20.46 -2.58 -24.30
N SER A 152 21.02 -2.96 -23.17
CA SER A 152 22.45 -3.02 -22.88
C SER A 152 22.63 -4.12 -21.86
N ASP A 153 23.82 -4.68 -21.77
CA ASP A 153 24.12 -5.74 -20.79
C ASP A 153 23.94 -5.22 -19.35
N PRO A 154 23.61 -6.08 -18.37
CA PRO A 154 23.55 -5.60 -16.98
C PRO A 154 24.93 -5.07 -16.55
N GLY A 155 24.97 -3.99 -15.79
CA GLY A 155 26.23 -3.37 -15.40
C GLY A 155 26.56 -2.20 -16.29
N SER A 156 25.77 -2.04 -17.39
CA SER A 156 25.92 -0.94 -18.33
CA SER A 156 25.93 -0.92 -18.31
C SER A 156 24.56 -0.24 -18.51
N ALA A 157 24.45 0.65 -19.49
CA ALA A 157 23.23 1.37 -19.81
C ALA A 157 23.36 1.99 -21.18
N PRO A 158 22.28 2.01 -21.98
CA PRO A 158 22.36 2.75 -23.25
C PRO A 158 22.28 4.25 -22.96
N GLU A 159 22.55 5.09 -23.96
CA GLU A 159 22.41 6.52 -23.79
C GLU A 159 20.94 6.93 -23.89
N PRO A 160 20.44 7.90 -23.08
CA PRO A 160 19.06 8.39 -23.27
C PRO A 160 18.94 8.88 -24.72
N GLN A 161 17.86 8.45 -25.39
CA GLN A 161 17.62 8.75 -26.79
C GLN A 161 16.14 8.83 -27.08
N THR A 162 15.80 9.31 -28.28
CA THR A 162 14.42 9.45 -28.70
C THR A 162 14.24 8.73 -30.04
N ASP A 163 13.02 8.79 -30.54
CA ASP A 163 12.59 8.22 -31.81
C ASP A 163 11.40 9.02 -32.30
N PRO A 164 11.27 9.30 -33.63
CA PRO A 164 10.12 10.10 -34.10
C PRO A 164 8.74 9.45 -33.90
N SER A 165 8.66 8.10 -33.76
CA SER A 165 7.38 7.42 -33.60
C SER A 165 6.89 7.31 -32.12
N VAL A 166 7.64 7.81 -31.14
CA VAL A 166 7.25 7.62 -29.72
C VAL A 166 6.82 8.92 -29.08
N ASP A 167 5.90 8.84 -28.10
CA ASP A 167 5.39 9.99 -27.36
C ASP A 167 5.80 9.90 -25.89
N VAL A 168 6.52 8.83 -25.53
CA VAL A 168 7.06 8.63 -24.17
C VAL A 168 8.42 7.99 -24.32
N ILE A 169 9.37 8.47 -23.52
CA ILE A 169 10.72 7.90 -23.43
CA ILE A 169 10.75 7.93 -23.42
C ILE A 169 10.97 7.58 -21.97
N ALA A 170 11.28 6.32 -21.68
CA ALA A 170 11.42 5.85 -20.31
C ALA A 170 12.72 5.11 -20.01
N TRP A 171 13.30 5.42 -18.85
CA TRP A 171 14.46 4.76 -18.29
C TRP A 171 14.45 4.94 -16.76
N ALA A 172 15.32 4.22 -16.07
CA ALA A 172 15.45 4.26 -14.64
C ALA A 172 16.61 5.15 -14.25
N HIS A 173 16.37 6.08 -13.31
CA HIS A 173 17.46 6.93 -12.78
C HIS A 173 18.48 6.00 -12.15
N ASN A 174 17.99 4.99 -11.42
CA ASN A 174 18.83 4.01 -10.75
C ASN A 174 18.29 2.59 -10.93
N GLU A 175 19.08 1.73 -11.63
CA GLU A 175 18.77 0.33 -11.83
C GLU A 175 19.28 -0.41 -10.59
N THR A 176 18.37 -0.69 -9.66
CA THR A 176 18.61 -1.26 -8.33
C THR A 176 19.23 -2.65 -8.38
N SER A 177 18.95 -3.44 -9.45
CA SER A 177 19.50 -4.77 -9.62
C SER A 177 20.96 -4.77 -10.02
N THR A 178 21.45 -3.70 -10.65
CA THR A 178 22.83 -3.72 -11.20
C THR A 178 23.74 -2.66 -10.59
N GLY A 179 23.13 -1.70 -9.89
CA GLY A 179 23.87 -0.60 -9.29
C GLY A 179 24.30 0.42 -10.33
N VAL A 180 23.49 0.63 -11.37
CA VAL A 180 23.78 1.58 -12.43
C VAL A 180 22.89 2.81 -12.28
N ALA A 181 23.51 3.99 -12.29
CA ALA A 181 22.81 5.27 -12.27
C ALA A 181 23.01 5.94 -13.64
N VAL A 182 21.93 6.45 -14.22
CA VAL A 182 21.92 7.07 -15.54
C VAL A 182 21.59 8.56 -15.39
N ALA A 183 22.16 9.39 -16.26
CA ALA A 183 21.87 10.82 -16.25
C ALA A 183 20.38 11.07 -16.58
N VAL A 184 19.80 12.09 -15.97
CA VAL A 184 18.40 12.45 -16.23
C VAL A 184 18.42 13.78 -16.99
N ARG A 185 18.30 13.67 -18.31
CA ARG A 185 18.29 14.81 -19.21
C ARG A 185 17.31 14.55 -20.32
N ARG A 186 16.65 15.60 -20.75
CA ARG A 186 15.70 15.56 -21.84
C ARG A 186 16.54 15.41 -23.14
N PRO A 187 16.42 14.28 -23.87
CA PRO A 187 17.24 14.10 -25.08
C PRO A 187 16.95 15.12 -26.17
N GLU A 188 17.94 15.37 -27.05
CA GLU A 188 17.81 16.29 -28.18
C GLU A 188 16.75 15.76 -29.16
N GLY A 189 15.90 16.65 -29.65
CA GLY A 189 14.83 16.33 -30.58
C GLY A 189 13.71 15.46 -30.03
N SER A 190 13.50 15.50 -28.69
CA SER A 190 12.47 14.68 -28.04
C SER A 190 11.22 15.51 -27.68
N ASP A 191 11.01 16.67 -28.37
CA ASP A 191 9.92 17.63 -28.18
C ASP A 191 8.53 17.04 -27.97
N ASP A 192 8.16 16.09 -28.83
CA ASP A 192 6.85 15.43 -28.79
C ASP A 192 6.79 14.23 -27.81
N ALA A 193 7.77 14.07 -26.89
CA ALA A 193 7.74 12.92 -25.99
C ALA A 193 7.93 13.28 -24.54
N LEU A 194 7.17 12.61 -23.67
CA LEU A 194 7.31 12.83 -22.23
C LEU A 194 8.48 11.99 -21.69
N VAL A 195 9.28 12.58 -20.80
CA VAL A 195 10.40 11.94 -20.12
C VAL A 195 9.85 11.27 -18.84
N VAL A 196 9.82 9.93 -18.82
CA VAL A 196 9.21 9.13 -17.75
C VAL A 196 10.28 8.32 -17.05
N ILE A 197 10.66 8.77 -15.87
CA ILE A 197 11.78 8.28 -15.11
C ILE A 197 11.42 7.51 -13.87
N ASP A 198 11.85 6.24 -13.85
CA ASP A 198 11.73 5.38 -12.68
C ASP A 198 12.86 5.70 -11.74
N ALA A 199 12.58 6.56 -10.76
CA ALA A 199 13.53 6.99 -9.75
C ALA A 199 13.27 6.29 -8.42
N THR A 200 12.62 5.10 -8.44
CA THR A 200 12.28 4.38 -7.21
C THR A 200 13.49 4.29 -6.24
N SER A 201 14.67 3.88 -6.72
CA SER A 201 15.83 3.80 -5.84
C SER A 201 16.77 5.03 -5.99
N GLY A 202 16.44 5.96 -6.89
CA GLY A 202 17.25 7.15 -7.16
C GLY A 202 16.80 8.42 -6.47
N ALA A 203 15.47 8.65 -6.43
CA ALA A 203 14.86 9.84 -5.85
C ALA A 203 15.24 10.05 -4.37
N GLY A 204 15.89 11.19 -4.11
CA GLY A 204 16.28 11.62 -2.77
C GLY A 204 17.74 11.35 -2.41
N GLY A 205 18.43 10.62 -3.28
CA GLY A 205 19.82 10.28 -3.05
C GLY A 205 20.75 10.69 -4.17
N LEU A 206 20.17 11.00 -5.34
CA LEU A 206 20.92 11.34 -6.55
C LEU A 206 20.52 12.72 -7.04
N PRO A 207 21.42 13.47 -7.73
CA PRO A 207 21.02 14.79 -8.22
C PRO A 207 20.01 14.64 -9.36
N VAL A 208 19.15 15.64 -9.51
CA VAL A 208 18.19 15.66 -10.61
C VAL A 208 17.72 17.09 -10.84
N ASP A 209 17.60 17.47 -12.12
CA ASP A 209 16.96 18.70 -12.54
C ASP A 209 15.56 18.26 -12.98
N ILE A 210 14.55 18.51 -12.14
CA ILE A 210 13.16 18.05 -12.39
C ILE A 210 12.59 18.63 -13.73
N ALA A 211 13.04 19.83 -14.16
CA ALA A 211 12.61 20.45 -15.43
C ALA A 211 12.91 19.55 -16.66
N GLU A 212 13.87 18.62 -16.52
CA GLU A 212 14.25 17.68 -17.57
CA GLU A 212 14.27 17.64 -17.55
C GLU A 212 13.29 16.47 -17.61
N THR A 213 12.34 16.38 -16.66
CA THR A 213 11.41 15.25 -16.58
C THR A 213 9.95 15.67 -16.78
N ASP A 214 9.07 14.68 -17.01
CA ASP A 214 7.63 14.86 -17.15
C ASP A 214 6.93 13.97 -16.14
N ALA A 215 7.56 12.86 -15.78
CA ALA A 215 7.09 11.97 -14.72
C ALA A 215 8.32 11.35 -14.04
N TYR A 216 8.59 11.78 -12.81
CA TYR A 216 9.70 11.33 -12.00
C TYR A 216 9.07 10.62 -10.82
N TYR A 217 9.03 9.29 -10.89
CA TYR A 217 8.28 8.50 -9.91
C TYR A 217 9.13 7.61 -9.07
N PHE A 218 8.60 7.28 -7.89
CA PHE A 218 9.29 6.49 -6.90
C PHE A 218 8.32 5.94 -5.89
N ALA A 219 8.86 5.22 -4.93
CA ALA A 219 8.16 4.61 -3.81
C ALA A 219 8.97 4.99 -2.53
N PRO A 220 8.41 4.92 -1.30
CA PRO A 220 9.13 5.48 -0.13
C PRO A 220 10.19 4.60 0.59
N GLN A 221 10.35 3.31 0.23
CA GLN A 221 11.19 2.37 0.98
C GLN A 221 12.72 2.40 0.65
N LYS A 222 13.20 3.36 -0.17
CA LYS A 222 14.64 3.42 -0.48
C LYS A 222 15.26 4.65 0.18
N ASN A 223 15.57 5.72 -0.59
CA ASN A 223 16.16 6.94 -0.02
C ASN A 223 15.28 7.62 1.02
N PHE A 224 13.94 7.44 0.90
CA PHE A 224 12.97 8.05 1.82
C PHE A 224 12.74 7.24 3.10
N ALA A 225 13.47 6.12 3.27
CA ALA A 225 13.50 5.29 4.48
C ALA A 225 12.09 5.06 5.10
N SER A 226 11.11 4.74 4.26
CA SER A 226 9.76 4.48 4.74
C SER A 226 9.31 3.11 4.23
N ASP A 227 8.01 2.86 4.13
CA ASP A 227 7.54 1.55 3.70
C ASP A 227 7.07 1.59 2.27
N GLY A 228 6.96 0.42 1.64
CA GLY A 228 6.40 0.28 0.30
C GLY A 228 4.89 0.34 0.38
N GLY A 229 4.23 0.26 -0.79
CA GLY A 229 2.77 0.27 -0.88
C GLY A 229 2.18 1.61 -1.27
N LEU A 230 3.03 2.58 -1.59
CA LEU A 230 2.62 3.90 -2.05
C LEU A 230 3.52 4.34 -3.19
N TRP A 231 2.94 4.88 -4.25
CA TRP A 231 3.77 5.45 -5.31
C TRP A 231 3.62 6.95 -5.27
N LEU A 232 4.70 7.66 -5.64
CA LEU A 232 4.75 9.11 -5.74
C LEU A 232 5.28 9.46 -7.09
N ALA A 233 4.72 10.47 -7.72
CA ALA A 233 5.18 10.87 -9.05
C ALA A 233 5.16 12.38 -9.21
N ILE A 234 6.33 12.98 -9.49
CA ILE A 234 6.47 14.41 -9.75
C ILE A 234 6.12 14.57 -11.21
N MET A 235 5.03 15.31 -11.48
CA MET A 235 4.55 15.45 -12.86
CA MET A 235 4.51 15.46 -12.85
C MET A 235 4.59 16.89 -13.36
N SER A 236 5.01 17.04 -14.62
CA SER A 236 5.09 18.32 -15.32
C SER A 236 3.72 18.74 -15.84
N PRO A 237 3.51 20.06 -16.16
CA PRO A 237 2.24 20.45 -16.81
C PRO A 237 1.96 19.66 -18.09
N ALA A 238 2.99 19.35 -18.94
CA ALA A 238 2.78 18.55 -20.14
C ALA A 238 2.24 17.14 -19.81
N ALA A 239 2.82 16.47 -18.77
CA ALA A 239 2.36 15.13 -18.35
C ALA A 239 0.91 15.19 -17.85
N LEU A 240 0.57 16.19 -17.01
CA LEU A 240 -0.78 16.34 -16.46
C LEU A 240 -1.83 16.57 -17.59
N SER A 241 -1.45 17.39 -18.61
CA SER A 241 -2.30 17.68 -19.76
CA SER A 241 -2.30 17.67 -19.75
C SER A 241 -2.48 16.42 -20.60
N ARG A 242 -1.42 15.61 -20.71
CA ARG A 242 -1.44 14.35 -21.45
C ARG A 242 -2.42 13.36 -20.79
N ILE A 243 -2.35 13.24 -19.45
CA ILE A 243 -3.24 12.36 -18.66
C ILE A 243 -4.69 12.73 -18.93
N GLU A 244 -4.98 14.01 -18.94
CA GLU A 244 -6.32 14.53 -19.19
C GLU A 244 -6.78 14.22 -20.61
N ALA A 245 -5.88 14.42 -21.61
CA ALA A 245 -6.17 14.17 -23.04
C ALA A 245 -6.40 12.69 -23.32
N ILE A 246 -5.61 11.80 -22.67
CA ILE A 246 -5.81 10.36 -22.84
C ILE A 246 -7.16 9.97 -22.21
N ALA A 247 -7.51 10.51 -21.01
CA ALA A 247 -8.81 10.21 -20.40
C ALA A 247 -9.98 10.65 -21.32
N ALA A 248 -9.83 11.83 -21.94
CA ALA A 248 -10.80 12.43 -22.85
C ALA A 248 -11.03 11.58 -24.13
N THR A 249 -10.13 10.62 -24.46
CA THR A 249 -10.35 9.73 -25.63
C THR A 249 -11.37 8.63 -25.30
N GLY A 250 -11.64 8.44 -24.02
CA GLY A 250 -12.56 7.42 -23.54
C GLY A 250 -11.87 6.09 -23.27
N ARG A 251 -10.50 6.06 -23.38
CA ARG A 251 -9.73 4.84 -23.11
C ARG A 251 -10.07 4.31 -21.71
N TRP A 252 -10.39 3.01 -21.61
CA TRP A 252 -10.72 2.44 -20.32
C TRP A 252 -9.46 2.27 -19.49
N VAL A 253 -9.61 2.37 -18.18
CA VAL A 253 -8.53 2.11 -17.23
C VAL A 253 -9.22 1.61 -15.94
N PRO A 254 -8.75 0.50 -15.34
CA PRO A 254 -9.31 0.13 -14.01
C PRO A 254 -9.09 1.32 -13.09
N ASP A 255 -10.12 1.70 -12.29
CA ASP A 255 -10.10 2.86 -11.39
CA ASP A 255 -10.07 2.87 -11.41
C ASP A 255 -8.87 2.87 -10.46
N PHE A 256 -8.47 1.71 -9.94
CA PHE A 256 -7.31 1.64 -9.04
C PHE A 256 -6.04 2.15 -9.72
N LEU A 257 -5.91 1.95 -11.04
CA LEU A 257 -4.73 2.35 -11.80
C LEU A 257 -4.94 3.65 -12.57
N SER A 258 -6.03 4.37 -12.26
CA SER A 258 -6.35 5.58 -13.01
C SER A 258 -5.53 6.78 -12.54
N LEU A 259 -4.66 7.30 -13.44
CA LEU A 259 -3.88 8.51 -13.20
C LEU A 259 -4.81 9.75 -13.18
N PRO A 260 -5.88 9.88 -14.01
CA PRO A 260 -6.80 11.02 -13.85
C PRO A 260 -7.42 11.11 -12.44
N ILE A 261 -7.85 9.96 -11.89
CA ILE A 261 -8.44 9.89 -10.54
C ILE A 261 -7.35 10.20 -9.48
N ALA A 262 -6.13 9.66 -9.67
CA ALA A 262 -5.03 9.89 -8.75
C ALA A 262 -4.65 11.39 -8.71
N VAL A 263 -4.69 12.08 -9.89
CA VAL A 263 -4.37 13.51 -9.97
C VAL A 263 -5.45 14.35 -9.26
N GLU A 264 -6.71 14.05 -9.53
CA GLU A 264 -7.89 14.71 -8.95
C GLU A 264 -7.81 14.68 -7.41
N ASN A 265 -7.51 13.51 -6.86
CA ASN A 265 -7.38 13.30 -5.42
C ASN A 265 -6.12 13.96 -4.88
N SER A 266 -4.93 13.74 -5.50
CA SER A 266 -3.64 14.31 -5.03
C SER A 266 -3.67 15.83 -4.89
N LEU A 267 -4.33 16.54 -5.84
CA LEU A 267 -4.46 18.01 -5.81
C LEU A 267 -5.24 18.49 -4.57
N LYS A 268 -6.01 17.58 -3.90
CA LYS A 268 -6.76 17.94 -2.69
CA LYS A 268 -6.79 17.91 -2.70
C LYS A 268 -6.24 17.16 -1.46
N ASN A 269 -4.94 16.79 -1.47
CA ASN A 269 -4.22 16.08 -0.38
C ASN A 269 -4.86 14.73 -0.01
N GLN A 270 -5.24 13.99 -1.05
CA GLN A 270 -5.89 12.71 -0.91
C GLN A 270 -5.40 11.74 -1.96
N THR A 271 -5.71 10.45 -1.74
CA THR A 271 -5.46 9.37 -2.67
C THR A 271 -6.81 8.80 -3.04
N TYR A 272 -6.87 7.96 -4.07
CA TYR A 272 -8.15 7.38 -4.46
C TYR A 272 -8.71 6.49 -3.33
N ASN A 273 -7.90 5.58 -2.79
CA ASN A 273 -8.44 4.74 -1.73
C ASN A 273 -7.61 4.96 -0.47
N THR A 274 -7.84 4.18 0.61
CA THR A 274 -7.20 4.44 1.91
C THR A 274 -5.69 4.23 1.90
N PRO A 275 -4.91 5.31 2.16
CA PRO A 275 -3.45 5.12 2.25
C PRO A 275 -3.03 4.71 3.66
N ALA A 276 -1.81 4.17 3.78
CA ALA A 276 -1.24 3.82 5.06
C ALA A 276 -0.72 5.09 5.74
N ILE A 277 -1.21 5.37 6.95
CA ILE A 277 -0.79 6.54 7.73
C ILE A 277 0.71 6.37 8.15
N ALA A 278 1.13 5.15 8.59
CA ALA A 278 2.56 4.92 8.96
C ALA A 278 3.53 5.30 7.81
N THR A 279 3.22 4.88 6.56
CA THR A 279 4.01 5.13 5.36
C THR A 279 4.19 6.65 5.14
N LEU A 280 3.09 7.41 5.26
CA LEU A 280 3.09 8.85 5.09
C LEU A 280 3.86 9.53 6.23
N ALA A 281 3.69 9.04 7.47
CA ALA A 281 4.34 9.59 8.67
C ALA A 281 5.85 9.38 8.59
N LEU A 282 6.30 8.19 8.19
CA LEU A 282 7.74 7.91 8.09
C LEU A 282 8.38 8.71 6.95
N LEU A 283 7.64 8.86 5.83
CA LEU A 283 8.03 9.61 4.62
C LEU A 283 8.18 11.09 4.95
N ALA A 284 7.15 11.68 5.59
CA ALA A 284 7.18 13.09 5.98
C ALA A 284 8.35 13.37 6.90
N GLU A 285 8.64 12.45 7.84
CA GLU A 285 9.76 12.63 8.78
CA GLU A 285 9.76 12.63 8.78
C GLU A 285 11.11 12.63 8.05
N GLN A 286 11.27 11.73 7.06
CA GLN A 286 12.50 11.63 6.29
C GLN A 286 12.70 12.87 5.39
N ILE A 287 11.62 13.38 4.78
CA ILE A 287 11.65 14.57 3.93
C ILE A 287 12.08 15.77 4.78
N ASP A 288 11.48 15.93 5.97
CA ASP A 288 11.80 17.02 6.89
C ASP A 288 13.27 16.96 7.27
N TRP A 289 13.75 15.71 7.60
CA TRP A 289 15.13 15.45 7.99
C TRP A 289 16.09 15.81 6.85
N LEU A 290 15.75 15.43 5.59
CA LEU A 290 16.58 15.73 4.43
C LEU A 290 16.66 17.23 4.15
N VAL A 291 15.50 17.92 4.17
CA VAL A 291 15.37 19.37 3.96
C VAL A 291 16.13 20.14 5.08
N GLY A 292 15.95 19.69 6.33
CA GLY A 292 16.58 20.27 7.52
C GLY A 292 18.10 20.11 7.55
N ASN A 293 18.62 19.16 6.75
CA ASN A 293 20.07 18.94 6.68
C ASN A 293 20.73 19.72 5.52
N GLY A 294 19.94 20.36 4.68
CA GLY A 294 20.44 21.11 3.52
C GLY A 294 19.83 20.68 2.19
N GLY A 295 18.84 19.78 2.24
CA GLY A 295 18.13 19.33 1.04
C GLY A 295 18.84 18.31 0.18
N LEU A 296 18.48 18.23 -1.10
CA LEU A 296 18.99 17.27 -2.07
C LEU A 296 20.53 17.36 -2.21
N ASP A 297 21.11 18.58 -2.18
CA ASP A 297 22.56 18.81 -2.26
C ASP A 297 23.26 18.11 -1.10
N TRP A 298 22.67 18.18 0.11
CA TRP A 298 23.23 17.47 1.28
C TRP A 298 23.16 15.95 1.09
N ALA A 299 22.00 15.42 0.62
CA ALA A 299 21.76 13.99 0.43
C ALA A 299 22.75 13.41 -0.59
N VAL A 300 22.98 14.14 -1.69
CA VAL A 300 23.91 13.76 -2.78
C VAL A 300 25.33 13.75 -2.26
N LYS A 301 25.72 14.71 -1.39
CA LYS A 301 27.07 14.73 -0.79
C LYS A 301 27.22 13.53 0.13
N ARG A 302 26.18 13.21 0.89
CA ARG A 302 26.18 12.08 1.81
C ARG A 302 26.35 10.75 1.03
N THR A 303 25.54 10.51 -0.01
CA THR A 303 25.64 9.25 -0.78
C THR A 303 26.97 9.20 -1.55
N ALA A 304 27.53 10.37 -1.96
CA ALA A 304 28.84 10.44 -2.64
C ALA A 304 29.93 9.99 -1.68
N ASP A 305 29.83 10.41 -0.42
CA ASP A 305 30.76 10.06 0.66
C ASP A 305 30.70 8.55 0.94
N SER A 306 29.47 7.99 1.16
CA SER A 306 29.31 6.56 1.40
C SER A 306 29.85 5.73 0.25
N SER A 307 29.44 6.06 -1.01
CA SER A 307 29.82 5.30 -2.21
C SER A 307 31.32 5.41 -2.53
N GLN A 308 31.96 6.57 -2.27
CA GLN A 308 33.42 6.73 -2.44
C GLN A 308 34.13 5.70 -1.54
N ARG A 309 33.65 5.48 -0.30
CA ARG A 309 34.26 4.52 0.64
C ARG A 309 34.16 3.10 0.09
N LEU A 310 32.98 2.75 -0.44
CA LEU A 310 32.74 1.43 -0.99
C LEU A 310 33.57 1.18 -2.24
N TYR A 311 33.50 2.09 -3.24
CA TYR A 311 34.20 1.87 -4.50
C TYR A 311 35.72 1.88 -4.36
N SER A 312 36.30 2.83 -3.52
CA SER A 312 37.75 2.88 -3.29
CA SER A 312 37.74 2.88 -3.29
C SER A 312 38.24 1.57 -2.69
N TRP A 313 37.48 0.99 -1.74
CA TRP A 313 37.83 -0.28 -1.09
C TRP A 313 37.76 -1.44 -2.10
N ALA A 314 36.72 -1.47 -2.95
CA ALA A 314 36.52 -2.54 -3.95
C ALA A 314 37.66 -2.53 -4.98
N GLN A 315 38.16 -1.34 -5.33
CA GLN A 315 39.29 -1.17 -6.24
C GLN A 315 40.59 -1.64 -5.60
N GLU A 316 40.82 -1.29 -4.32
CA GLU A 316 42.01 -1.64 -3.54
C GLU A 316 42.18 -3.13 -3.29
N ARG A 317 41.09 -3.85 -2.99
CA ARG A 317 41.21 -5.26 -2.65
C ARG A 317 41.35 -6.12 -3.92
N PRO A 318 42.28 -7.09 -3.92
CA PRO A 318 42.49 -7.91 -5.15
C PRO A 318 41.41 -8.97 -5.36
N TYR A 319 40.56 -9.20 -4.35
N TYR A 319 40.56 -9.20 -4.35
CA TYR A 319 39.49 -10.19 -4.45
CA TYR A 319 39.48 -10.18 -4.44
C TYR A 319 38.13 -9.54 -4.83
C TYR A 319 38.12 -9.52 -4.76
N THR A 320 38.09 -8.20 -5.00
CA THR A 320 36.88 -7.43 -5.34
C THR A 320 37.10 -6.58 -6.58
N THR A 321 35.97 -6.13 -7.19
CA THR A 321 35.96 -5.18 -8.31
C THR A 321 34.52 -4.66 -8.47
N PRO A 322 34.31 -3.36 -8.76
CA PRO A 322 32.93 -2.90 -9.01
C PRO A 322 32.39 -3.58 -10.27
N PHE A 323 31.16 -4.10 -10.20
CA PHE A 323 30.47 -4.74 -11.32
C PHE A 323 30.35 -3.76 -12.49
N VAL A 324 30.06 -2.49 -12.17
CA VAL A 324 29.91 -1.42 -13.16
C VAL A 324 31.33 -0.92 -13.52
N THR A 325 31.78 -1.19 -14.76
CA THR A 325 33.14 -0.83 -15.20
C THR A 325 33.26 0.66 -15.54
N ASP A 326 32.17 1.29 -15.98
CA ASP A 326 32.19 2.71 -16.30
C ASP A 326 31.98 3.48 -15.01
N PRO A 327 33.00 4.22 -14.50
CA PRO A 327 32.81 4.95 -13.22
C PRO A 327 31.70 6.00 -13.30
N GLY A 328 31.42 6.50 -14.52
CA GLY A 328 30.35 7.46 -14.77
C GLY A 328 28.96 6.88 -14.54
N LEU A 329 28.82 5.52 -14.54
CA LEU A 329 27.53 4.84 -14.33
C LEU A 329 27.41 4.23 -12.92
N ARG A 330 28.48 4.30 -12.12
CA ARG A 330 28.49 3.75 -10.77
C ARG A 330 27.56 4.53 -9.86
N SER A 331 26.48 3.88 -9.42
CA SER A 331 25.49 4.47 -8.54
C SER A 331 26.08 4.87 -7.19
N GLN A 332 25.71 6.05 -6.72
CA GLN A 332 26.07 6.56 -5.39
C GLN A 332 25.23 5.92 -4.28
N VAL A 333 24.06 5.37 -4.65
CA VAL A 333 23.08 4.82 -3.70
C VAL A 333 23.04 3.29 -3.63
N VAL A 334 23.40 2.56 -4.71
CA VAL A 334 23.38 1.09 -4.74
C VAL A 334 24.68 0.61 -5.39
N GLY A 335 25.55 0.00 -4.59
CA GLY A 335 26.86 -0.45 -5.07
C GLY A 335 26.96 -1.95 -5.25
N THR A 336 27.16 -2.38 -6.50
CA THR A 336 27.32 -3.81 -6.81
C THR A 336 28.82 -4.13 -6.91
N ILE A 337 29.30 -4.98 -5.99
CA ILE A 337 30.71 -5.34 -5.94
C ILE A 337 30.88 -6.80 -6.27
N ASP A 338 31.55 -7.08 -7.39
CA ASP A 338 31.85 -8.45 -7.78
C ASP A 338 33.02 -9.01 -6.98
N PHE A 339 33.00 -10.32 -6.75
CA PHE A 339 34.07 -11.02 -6.05
C PHE A 339 34.72 -11.98 -7.00
N VAL A 340 36.04 -12.20 -6.86
CA VAL A 340 36.76 -13.14 -7.73
C VAL A 340 36.32 -14.60 -7.44
N ASP A 341 36.67 -15.53 -8.35
CA ASP A 341 36.32 -16.95 -8.29
C ASP A 341 36.57 -17.61 -6.93
N ASP A 342 37.75 -17.42 -6.33
CA ASP A 342 38.12 -18.10 -5.08
C ASP A 342 37.50 -17.47 -3.81
N VAL A 343 36.86 -16.29 -3.89
CA VAL A 343 36.22 -15.71 -2.72
C VAL A 343 34.70 -15.74 -2.96
N ASP A 344 34.01 -16.62 -2.23
CA ASP A 344 32.58 -16.84 -2.35
C ASP A 344 31.78 -15.71 -1.64
N ALA A 345 31.21 -14.77 -2.43
CA ALA A 345 30.41 -13.64 -1.89
C ALA A 345 29.16 -14.14 -1.12
N GLY A 346 28.58 -15.27 -1.54
CA GLY A 346 27.41 -15.87 -0.90
C GLY A 346 27.73 -16.31 0.52
N THR A 347 28.92 -16.88 0.74
CA THR A 347 29.41 -17.28 2.06
C THR A 347 29.65 -16.04 2.90
N VAL A 348 30.24 -14.99 2.29
CA VAL A 348 30.47 -13.71 2.98
C VAL A 348 29.13 -13.13 3.45
N ALA A 349 28.13 -13.07 2.54
CA ALA A 349 26.79 -12.54 2.84
C ALA A 349 26.13 -13.30 3.99
N LYS A 350 26.25 -14.65 3.99
CA LYS A 350 25.69 -15.54 5.02
C LYS A 350 26.30 -15.25 6.40
N ILE A 351 27.63 -15.11 6.45
CA ILE A 351 28.37 -14.84 7.68
C ILE A 351 27.96 -13.44 8.18
N LEU A 352 27.93 -12.43 7.27
CA LEU A 352 27.50 -11.06 7.63
C LEU A 352 26.10 -11.11 8.25
N ARG A 353 25.14 -11.79 7.57
CA ARG A 353 23.75 -11.94 8.02
C ARG A 353 23.70 -12.59 9.43
N ALA A 354 24.52 -13.65 9.67
CA ALA A 354 24.55 -14.32 10.98
C ALA A 354 25.14 -13.37 12.06
N ASN A 355 25.82 -12.29 11.64
CA ASN A 355 26.37 -11.28 12.54
C ASN A 355 25.52 -10.00 12.56
N GLY A 356 24.29 -10.09 12.05
CA GLY A 356 23.36 -8.96 12.02
C GLY A 356 23.62 -7.89 10.97
N ILE A 357 24.46 -8.19 9.96
CA ILE A 357 24.80 -7.28 8.86
C ILE A 357 24.03 -7.86 7.69
N VAL A 358 22.84 -7.29 7.42
CA VAL A 358 21.90 -7.91 6.51
C VAL A 358 21.70 -7.23 5.18
N ASP A 359 21.10 -8.01 4.27
CA ASP A 359 20.62 -7.69 2.95
C ASP A 359 21.73 -7.19 2.01
N THR A 360 22.91 -7.84 2.04
CA THR A 360 24.01 -7.53 1.12
C THR A 360 23.95 -8.49 -0.07
N GLU A 361 22.99 -9.46 -0.05
CA GLU A 361 22.79 -10.46 -1.11
C GLU A 361 22.51 -9.74 -2.45
N PRO A 362 23.09 -10.22 -3.57
CA PRO A 362 22.85 -9.54 -4.86
C PRO A 362 21.40 -9.71 -5.32
N TYR A 363 21.00 -9.00 -6.39
CA TYR A 363 19.64 -9.16 -6.88
C TYR A 363 19.43 -10.64 -7.18
N ARG A 364 18.40 -11.23 -6.51
CA ARG A 364 18.08 -12.67 -6.52
C ARG A 364 18.05 -13.31 -7.92
N LYS A 365 17.87 -12.53 -9.00
CA LYS A 365 17.81 -13.09 -10.36
C LYS A 365 19.09 -12.88 -11.20
N LEU A 366 20.04 -12.03 -10.74
CA LEU A 366 21.27 -11.68 -11.48
C LEU A 366 22.25 -12.88 -11.65
N GLY A 367 22.33 -13.77 -10.65
CA GLY A 367 23.18 -14.96 -10.68
C GLY A 367 24.68 -14.75 -10.71
N ARG A 368 25.19 -13.71 -10.00
CA ARG A 368 26.61 -13.37 -9.91
C ARG A 368 27.20 -13.55 -8.51
N ASN A 369 28.53 -13.74 -8.45
CA ASN A 369 29.31 -13.85 -7.21
C ASN A 369 29.60 -12.42 -6.80
N GLN A 370 28.62 -11.83 -6.11
CA GLN A 370 28.56 -10.41 -5.85
C GLN A 370 27.88 -10.04 -4.54
N LEU A 371 28.20 -8.86 -4.02
CA LEU A 371 27.50 -8.22 -2.90
C LEU A 371 26.84 -6.96 -3.41
N ARG A 372 25.67 -6.60 -2.87
CA ARG A 372 24.97 -5.38 -3.24
C ARG A 372 24.71 -4.59 -1.96
N VAL A 373 25.29 -3.39 -1.90
CA VAL A 373 25.28 -2.55 -0.70
C VAL A 373 24.52 -1.25 -0.95
N ALA A 374 23.47 -1.00 -0.15
CA ALA A 374 22.73 0.27 -0.26
C ALA A 374 23.37 1.34 0.59
N MET A 375 23.40 2.56 0.05
CA MET A 375 24.04 3.71 0.67
C MET A 375 23.14 4.94 0.62
N PHE A 376 21.82 4.73 0.80
CA PHE A 376 20.80 5.78 0.87
C PHE A 376 21.15 6.74 2.03
N PRO A 377 20.70 8.02 2.01
CA PRO A 377 21.10 8.99 3.06
C PRO A 377 20.91 8.55 4.51
N ALA A 378 19.94 7.64 4.87
CA ALA A 378 19.81 7.17 6.25
C ALA A 378 21.06 6.38 6.68
N VAL A 379 21.70 5.67 5.72
CA VAL A 379 22.93 4.89 5.94
C VAL A 379 24.09 5.87 6.25
N GLU A 380 24.74 5.63 7.38
CA GLU A 380 25.87 6.45 7.83
CA GLU A 380 25.87 6.45 7.83
C GLU A 380 27.12 6.11 7.02
N PRO A 381 27.82 7.10 6.39
CA PRO A 381 29.06 6.78 5.63
C PRO A 381 30.08 5.96 6.41
N ASP A 382 30.23 6.23 7.73
CA ASP A 382 31.14 5.45 8.60
C ASP A 382 30.73 3.99 8.71
N ASP A 383 29.43 3.70 8.56
CA ASP A 383 28.93 2.31 8.62
C ASP A 383 29.32 1.56 7.34
N VAL A 384 29.45 2.28 6.20
CA VAL A 384 29.90 1.69 4.93
C VAL A 384 31.37 1.33 5.12
N SER A 385 32.17 2.23 5.72
CA SER A 385 33.58 1.96 6.05
C SER A 385 33.68 0.73 6.97
N ALA A 386 32.81 0.65 8.00
CA ALA A 386 32.84 -0.46 8.95
C ALA A 386 32.49 -1.77 8.26
N LEU A 387 31.50 -1.75 7.34
CA LEU A 387 31.12 -2.91 6.53
C LEU A 387 32.32 -3.44 5.73
N THR A 388 33.09 -2.57 5.04
CA THR A 388 34.24 -3.00 4.26
C THR A 388 35.28 -3.69 5.16
N GLU A 389 35.49 -3.17 6.40
CA GLU A 389 36.42 -3.77 7.37
CA GLU A 389 36.42 -3.77 7.36
C GLU A 389 35.90 -5.15 7.80
N CYS A 390 34.56 -5.29 8.00
CA CYS A 390 33.92 -6.57 8.37
C CYS A 390 34.11 -7.58 7.22
N VAL A 391 33.98 -7.13 5.95
CA VAL A 391 34.14 -8.01 4.80
C VAL A 391 35.63 -8.49 4.79
N ASP A 392 36.62 -7.57 4.96
CA ASP A 392 38.05 -7.92 5.00
C ASP A 392 38.32 -8.98 6.07
N TRP A 393 37.78 -8.76 7.29
CA TRP A 393 37.94 -9.64 8.45
C TRP A 393 37.43 -11.04 8.14
N VAL A 394 36.23 -11.15 7.54
CA VAL A 394 35.61 -12.44 7.21
C VAL A 394 36.44 -13.16 6.11
N VAL A 395 36.76 -12.45 5.00
CA VAL A 395 37.50 -13.01 3.84
C VAL A 395 38.87 -13.55 4.28
N GLU A 396 39.56 -12.86 5.21
CA GLU A 396 40.85 -13.29 5.77
C GLU A 396 40.73 -14.61 6.60
N ARG A 397 39.50 -14.99 7.02
CA ARG A 397 39.28 -16.19 7.82
C ARG A 397 38.49 -17.27 7.08
N LEU A 398 38.28 -17.09 5.75
CA LEU A 398 37.60 -18.09 4.93
C LEU A 398 38.60 -19.18 4.51
N LEU B 31 -18.48 24.82 22.80
CA LEU B 31 -18.87 23.90 23.87
C LEU B 31 -17.72 22.99 24.27
N GLU B 32 -17.39 22.95 25.56
CA GLU B 32 -16.33 22.09 26.08
C GLU B 32 -16.96 20.96 26.90
N ILE B 33 -16.93 19.74 26.35
CA ILE B 33 -17.48 18.52 26.95
C ILE B 33 -16.68 18.19 28.22
N PRO B 34 -17.34 17.96 29.39
CA PRO B 34 -16.57 17.62 30.61
C PRO B 34 -15.83 16.31 30.45
N THR B 35 -14.55 16.29 30.87
CA THR B 35 -13.64 15.15 30.75
C THR B 35 -14.23 13.87 31.36
N ALA B 36 -14.92 13.96 32.52
CA ALA B 36 -15.55 12.85 33.25
C ALA B 36 -16.49 11.97 32.40
N ILE B 37 -17.12 12.54 31.36
CA ILE B 37 -18.05 11.77 30.53
C ILE B 37 -17.44 11.37 29.16
N LYS B 38 -16.25 11.90 28.82
CA LYS B 38 -15.61 11.63 27.53
C LYS B 38 -15.10 10.19 27.40
N PRO B 39 -15.16 9.57 26.19
CA PRO B 39 -14.57 8.23 26.04
C PRO B 39 -13.04 8.29 26.22
N ARG B 40 -12.41 7.19 26.63
CA ARG B 40 -10.94 7.10 26.78
C ARG B 40 -10.23 7.33 25.43
N ASP B 41 -10.82 6.79 24.35
CA ASP B 41 -10.35 6.96 22.96
C ASP B 41 -11.50 7.52 22.15
N GLY B 42 -11.28 8.68 21.53
CA GLY B 42 -12.28 9.38 20.72
C GLY B 42 -12.38 9.01 19.26
N ARG B 43 -11.66 7.95 18.81
CA ARG B 43 -11.68 7.50 17.41
C ARG B 43 -12.86 6.54 17.16
N PHE B 44 -13.89 7.02 16.42
CA PHE B 44 -15.06 6.22 16.06
C PHE B 44 -15.18 6.12 14.53
N GLY B 45 -14.09 6.41 13.83
CA GLY B 45 -13.96 6.31 12.37
C GLY B 45 -14.13 4.89 11.89
N SER B 46 -14.74 4.71 10.68
CA SER B 46 -15.10 3.43 10.07
CA SER B 46 -15.06 3.40 10.12
C SER B 46 -14.02 2.88 9.12
N GLY B 47 -12.78 3.36 9.25
CA GLY B 47 -11.70 2.92 8.38
C GLY B 47 -11.02 4.10 7.70
N PRO B 48 -9.80 4.52 8.13
CA PRO B 48 -8.99 3.98 9.24
C PRO B 48 -9.76 4.07 10.57
N SER B 49 -9.38 3.22 11.50
CA SER B 49 -10.05 3.10 12.77
C SER B 49 -9.05 2.93 13.89
N LYS B 50 -9.49 3.12 15.14
CA LYS B 50 -8.73 3.02 16.37
C LYS B 50 -7.60 1.95 16.31
N VAL B 51 -6.36 2.43 16.47
CA VAL B 51 -5.17 1.56 16.56
C VAL B 51 -4.80 1.54 18.05
N ARG B 52 -4.86 0.38 18.70
CA ARG B 52 -4.52 0.32 20.14
C ARG B 52 -3.08 0.76 20.34
N LEU B 53 -2.79 1.52 21.40
CA LEU B 53 -1.44 2.04 21.66
C LEU B 53 -0.41 0.94 21.91
N GLU B 54 -0.74 -0.07 22.71
CA GLU B 54 0.16 -1.20 22.98
C GLU B 54 0.44 -1.99 21.67
N GLN B 55 -0.49 -1.95 20.72
CA GLN B 55 -0.35 -2.58 19.40
C GLN B 55 0.62 -1.76 18.53
N LEU B 56 0.46 -0.42 18.56
CA LEU B 56 1.33 0.54 17.88
C LEU B 56 2.76 0.49 18.46
N GLN B 57 2.89 0.24 19.77
CA GLN B 57 4.18 0.18 20.46
C GLN B 57 5.01 -1.07 20.10
N THR B 58 4.43 -2.09 19.47
CA THR B 58 5.23 -3.24 19.05
C THR B 58 6.15 -2.85 17.88
N LEU B 59 5.80 -1.76 17.14
CA LEU B 59 6.56 -1.26 15.99
C LEU B 59 7.94 -0.75 16.40
N THR B 60 8.02 -0.18 17.60
CA THR B 60 9.24 0.37 18.20
C THR B 60 9.94 -0.66 19.08
N THR B 61 9.31 -1.84 19.34
CA THR B 61 9.91 -2.86 20.19
C THR B 61 10.16 -4.19 19.44
N THR B 62 9.26 -5.19 19.57
CA THR B 62 9.42 -6.53 19.03
C THR B 62 9.43 -6.57 17.50
N ALA B 63 8.87 -5.56 16.81
CA ALA B 63 8.91 -5.56 15.36
C ALA B 63 9.88 -4.49 14.81
N ALA B 64 10.61 -3.75 15.69
CA ALA B 64 11.53 -2.68 15.27
C ALA B 64 12.62 -3.14 14.29
N ALA B 65 13.21 -4.35 14.54
CA ALA B 65 14.29 -4.95 13.76
C ALA B 65 13.84 -5.43 12.37
N LEU B 66 12.53 -5.56 12.16
CA LEU B 66 11.98 -5.98 10.88
C LEU B 66 11.97 -4.85 9.87
N PHE B 67 11.75 -3.60 10.34
CA PHE B 67 11.69 -2.42 9.50
C PHE B 67 12.95 -2.26 8.69
N GLY B 68 12.80 -1.91 7.43
CA GLY B 68 13.93 -1.66 6.54
C GLY B 68 14.73 -2.90 6.17
N THR B 69 14.10 -4.09 6.27
CA THR B 69 14.72 -5.36 5.91
C THR B 69 13.92 -5.98 4.79
N SER B 70 14.56 -6.85 4.02
CA SER B 70 14.03 -7.43 2.79
C SER B 70 12.81 -8.31 2.99
N HIS B 71 11.80 -8.06 2.13
CA HIS B 71 10.58 -8.85 2.08
C HIS B 71 10.85 -10.18 1.34
N ARG B 72 12.09 -10.36 0.82
CA ARG B 72 12.52 -11.59 0.14
C ARG B 72 13.44 -12.40 1.06
N GLN B 73 13.56 -11.99 2.35
CA GLN B 73 14.40 -12.70 3.33
C GLN B 73 13.51 -13.21 4.48
N ALA B 74 14.00 -14.21 5.24
CA ALA B 74 13.25 -14.89 6.30
C ALA B 74 12.59 -13.96 7.34
N PRO B 75 13.21 -12.91 7.93
CA PRO B 75 12.49 -12.15 8.98
C PRO B 75 11.15 -11.55 8.52
N VAL B 76 11.09 -10.89 7.34
CA VAL B 76 9.80 -10.30 6.88
C VAL B 76 8.90 -11.43 6.33
N LYS B 77 9.46 -12.45 5.67
CA LYS B 77 8.64 -13.59 5.19
C LYS B 77 7.97 -14.32 6.37
N ASN B 78 8.64 -14.39 7.55
CA ASN B 78 8.07 -15.04 8.74
CA ASN B 78 8.09 -15.01 8.76
C ASN B 78 6.90 -14.19 9.26
N LEU B 79 6.99 -12.84 9.12
CA LEU B 79 5.91 -11.92 9.55
C LEU B 79 4.67 -12.17 8.69
N VAL B 80 4.85 -12.32 7.35
CA VAL B 80 3.74 -12.64 6.45
C VAL B 80 3.16 -14.00 6.86
N GLY B 81 4.06 -14.96 7.18
CA GLY B 81 3.68 -16.28 7.66
C GLY B 81 2.79 -16.23 8.90
N ARG B 82 3.12 -15.35 9.86
CA ARG B 82 2.36 -15.14 11.10
C ARG B 82 0.95 -14.63 10.78
N VAL B 83 0.87 -13.72 9.80
CA VAL B 83 -0.40 -13.10 9.37
C VAL B 83 -1.29 -14.18 8.76
N ARG B 84 -0.73 -15.01 7.84
CA ARG B 84 -1.48 -16.05 7.12
C ARG B 84 -1.97 -17.13 8.08
N SER B 85 -1.08 -17.66 8.96
CA SER B 85 -1.45 -18.69 9.92
CA SER B 85 -1.46 -18.69 9.93
CA SER B 85 -1.44 -18.68 9.94
C SER B 85 -2.46 -18.13 10.95
N GLY B 86 -2.24 -16.88 11.37
CA GLY B 86 -3.11 -16.19 12.32
C GLY B 86 -4.53 -16.05 11.79
N LEU B 87 -4.66 -15.59 10.53
CA LEU B 87 -5.97 -15.47 9.87
C LEU B 87 -6.61 -16.85 9.65
N ALA B 88 -5.79 -17.88 9.32
CA ALA B 88 -6.28 -19.25 9.13
C ALA B 88 -6.94 -19.76 10.43
N GLU B 89 -6.33 -19.45 11.60
CA GLU B 89 -6.84 -19.83 12.91
CA GLU B 89 -6.86 -19.85 12.89
C GLU B 89 -8.11 -19.01 13.24
N LEU B 90 -8.02 -17.68 13.15
CA LEU B 90 -9.12 -16.78 13.47
C LEU B 90 -10.38 -17.10 12.67
N PHE B 91 -10.23 -17.41 11.36
CA PHE B 91 -11.39 -17.68 10.52
C PHE B 91 -11.70 -19.17 10.33
N SER B 92 -11.07 -20.07 11.14
CA SER B 92 -11.29 -21.55 11.13
C SER B 92 -11.36 -22.05 9.69
N LEU B 93 -10.34 -21.76 8.91
CA LEU B 93 -10.29 -22.10 7.49
C LEU B 93 -10.46 -23.60 7.23
N PRO B 94 -11.44 -23.98 6.38
CA PRO B 94 -11.54 -25.41 6.00
C PRO B 94 -10.31 -25.83 5.19
N ASP B 95 -10.13 -27.15 4.99
CA ASP B 95 -9.03 -27.71 4.20
C ASP B 95 -8.96 -27.10 2.79
N GLY B 96 -7.75 -26.76 2.35
CA GLY B 96 -7.52 -26.22 1.02
C GLY B 96 -7.76 -24.73 0.85
N TYR B 97 -8.34 -24.08 1.87
CA TYR B 97 -8.55 -22.64 1.81
C TYR B 97 -7.21 -21.96 2.05
N GLU B 98 -6.96 -20.83 1.37
CA GLU B 98 -5.68 -20.14 1.50
C GLU B 98 -5.84 -18.65 1.69
N VAL B 99 -4.89 -18.07 2.44
CA VAL B 99 -4.82 -16.64 2.69
C VAL B 99 -3.92 -16.05 1.59
N ILE B 100 -4.51 -15.22 0.74
CA ILE B 100 -3.83 -14.58 -0.38
C ILE B 100 -3.77 -13.10 -0.07
N LEU B 101 -2.66 -12.46 -0.43
CA LEU B 101 -2.50 -11.04 -0.15
C LEU B 101 -1.69 -10.34 -1.25
N GLY B 102 -1.85 -9.02 -1.30
CA GLY B 102 -1.16 -8.16 -2.25
C GLY B 102 -1.35 -6.70 -1.92
N ASN B 103 -0.52 -5.82 -2.49
CA ASN B 103 -0.68 -4.40 -2.24
C ASN B 103 -1.91 -3.81 -2.92
N GLY B 104 -2.42 -2.73 -2.36
CA GLY B 104 -3.46 -1.94 -3.00
C GLY B 104 -4.66 -1.57 -2.17
N GLY B 105 -5.05 -2.45 -1.26
CA GLY B 105 -6.26 -2.25 -0.48
C GLY B 105 -7.40 -2.92 -1.20
N ALA B 106 -8.61 -2.85 -0.65
CA ALA B 106 -9.78 -3.55 -1.19
C ALA B 106 -10.19 -3.06 -2.58
N THR B 107 -10.01 -1.76 -2.87
CA THR B 107 -10.32 -1.14 -4.18
C THR B 107 -9.49 -1.80 -5.28
N ALA B 108 -8.21 -2.13 -4.98
CA ALA B 108 -7.37 -2.82 -5.98
C ALA B 108 -7.88 -4.24 -6.20
N PHE B 109 -8.36 -4.90 -5.12
CA PHE B 109 -8.88 -6.26 -5.23
C PHE B 109 -10.11 -6.30 -6.17
N TRP B 110 -10.97 -5.26 -6.18
CA TRP B 110 -12.13 -5.25 -7.10
C TRP B 110 -11.68 -5.43 -8.55
N ASP B 111 -10.65 -4.66 -8.98
CA ASP B 111 -10.14 -4.73 -10.35
C ASP B 111 -9.43 -6.06 -10.61
N ALA B 112 -8.65 -6.53 -9.62
CA ALA B 112 -7.96 -7.83 -9.71
C ALA B 112 -8.97 -8.98 -9.86
N ALA B 113 -10.09 -8.92 -9.10
CA ALA B 113 -11.15 -9.94 -9.14
C ALA B 113 -11.92 -9.90 -10.46
N ALA B 114 -12.17 -8.69 -11.01
CA ALA B 114 -12.88 -8.55 -12.30
C ALA B 114 -12.08 -9.24 -13.44
N PHE B 115 -10.76 -9.11 -13.39
CA PHE B 115 -9.84 -9.72 -14.34
C PHE B 115 -9.63 -11.21 -14.08
N GLY B 116 -9.48 -11.57 -12.79
CA GLY B 116 -9.06 -12.90 -12.36
C GLY B 116 -10.01 -13.90 -11.77
N LEU B 117 -11.20 -13.47 -11.33
CA LEU B 117 -12.16 -14.42 -10.75
C LEU B 117 -13.41 -14.58 -11.63
N ILE B 118 -13.81 -13.51 -12.33
CA ILE B 118 -14.97 -13.60 -13.19
C ILE B 118 -14.55 -14.20 -14.49
N ASP B 119 -15.23 -15.28 -14.88
CA ASP B 119 -15.01 -15.94 -16.14
C ASP B 119 -15.82 -15.20 -17.21
N LYS B 120 -17.17 -15.35 -17.20
CA LYS B 120 -17.97 -14.70 -18.23
C LYS B 120 -18.87 -13.61 -17.68
N ARG B 121 -19.53 -13.85 -16.55
CA ARG B 121 -20.50 -12.91 -16.01
C ARG B 121 -20.67 -13.05 -14.49
N SER B 122 -20.99 -11.94 -13.83
CA SER B 122 -21.23 -11.91 -12.40
C SER B 122 -22.59 -11.30 -12.06
N LEU B 123 -23.13 -11.68 -10.90
CA LEU B 123 -24.32 -11.09 -10.31
C LEU B 123 -23.86 -10.29 -9.08
N HIS B 124 -24.28 -9.04 -8.98
CA HIS B 124 -23.92 -8.17 -7.87
C HIS B 124 -25.14 -7.71 -7.13
N LEU B 125 -25.03 -7.64 -5.80
CA LEU B 125 -26.00 -7.00 -4.94
C LEU B 125 -25.41 -5.64 -4.60
N THR B 126 -26.20 -4.56 -4.74
CA THR B 126 -25.72 -3.21 -4.47
C THR B 126 -26.75 -2.48 -3.60
N TYR B 127 -26.28 -1.83 -2.53
CA TYR B 127 -27.15 -1.19 -1.53
C TYR B 127 -26.40 -0.10 -0.74
N GLY B 128 -25.34 0.42 -1.35
CA GLY B 128 -24.48 1.45 -0.79
C GLY B 128 -23.24 1.66 -1.64
N GLU B 129 -22.37 2.59 -1.19
CA GLU B 129 -21.15 2.98 -1.91
C GLU B 129 -20.29 1.82 -2.39
N PHE B 130 -19.92 0.95 -1.48
CA PHE B 130 -18.90 -0.07 -1.75
C PHE B 130 -19.37 -1.26 -2.56
N SER B 131 -20.61 -1.75 -2.30
CA SER B 131 -21.20 -2.83 -3.09
C SER B 131 -21.46 -2.33 -4.55
N ALA B 132 -21.90 -1.07 -4.71
CA ALA B 132 -22.14 -0.45 -6.03
C ALA B 132 -20.84 -0.24 -6.79
N LYS B 133 -19.78 0.23 -6.12
CA LYS B 133 -18.51 0.52 -6.79
C LYS B 133 -17.86 -0.75 -7.41
N PHE B 134 -17.96 -1.92 -6.75
CA PHE B 134 -17.42 -3.16 -7.31
C PHE B 134 -18.20 -3.54 -8.58
N ALA B 135 -19.55 -3.45 -8.55
CA ALA B 135 -20.41 -3.75 -9.70
C ALA B 135 -20.08 -2.80 -10.86
N SER B 136 -19.82 -1.51 -10.54
CA SER B 136 -19.45 -0.48 -11.52
CA SER B 136 -19.44 -0.47 -11.52
C SER B 136 -18.11 -0.80 -12.17
N ALA B 137 -17.12 -1.23 -11.37
CA ALA B 137 -15.80 -1.61 -11.89
C ALA B 137 -15.93 -2.80 -12.88
N VAL B 138 -16.78 -3.81 -12.54
CA VAL B 138 -17.04 -5.00 -13.37
C VAL B 138 -17.76 -4.60 -14.66
N SER B 139 -18.77 -3.68 -14.57
CA SER B 139 -19.52 -3.18 -15.73
CA SER B 139 -19.53 -3.18 -15.72
C SER B 139 -18.60 -2.53 -16.76
N LYS B 140 -17.63 -1.74 -16.31
CA LYS B 140 -16.69 -1.05 -17.20
C LYS B 140 -15.55 -1.94 -17.72
N ASN B 141 -15.22 -3.04 -17.02
CA ASN B 141 -14.12 -3.93 -17.41
C ASN B 141 -14.43 -4.66 -18.76
N PRO B 142 -13.64 -4.41 -19.85
CA PRO B 142 -13.97 -5.01 -21.15
C PRO B 142 -13.42 -6.41 -21.35
N PHE B 143 -13.02 -7.10 -20.27
CA PHE B 143 -12.52 -8.48 -20.35
C PHE B 143 -13.60 -9.47 -19.85
N VAL B 144 -14.70 -8.96 -19.28
CA VAL B 144 -15.81 -9.80 -18.77
C VAL B 144 -17.15 -9.25 -19.26
N GLY B 145 -18.21 -10.05 -19.15
CA GLY B 145 -19.56 -9.65 -19.58
C GLY B 145 -20.21 -8.59 -18.70
N GLU B 146 -21.40 -8.13 -19.14
CA GLU B 146 -22.22 -7.14 -18.43
C GLU B 146 -22.82 -7.77 -17.17
N PRO B 147 -22.53 -7.29 -15.96
CA PRO B 147 -23.07 -7.96 -14.76
C PRO B 147 -24.57 -7.74 -14.56
N ILE B 148 -25.19 -8.69 -13.86
CA ILE B 148 -26.59 -8.56 -13.41
C ILE B 148 -26.49 -7.77 -12.09
N ILE B 149 -27.20 -6.67 -11.99
CA ILE B 149 -27.14 -5.88 -10.76
C ILE B 149 -28.51 -5.88 -10.05
N ILE B 150 -28.54 -6.32 -8.78
CA ILE B 150 -29.73 -6.35 -7.94
C ILE B 150 -29.53 -5.27 -6.88
N THR B 151 -30.35 -4.21 -6.97
CA THR B 151 -30.25 -3.04 -6.08
CA THR B 151 -30.22 -3.05 -6.07
C THR B 151 -31.34 -3.02 -5.01
N SER B 152 -31.10 -2.23 -3.97
CA SER B 152 -31.98 -1.93 -2.86
C SER B 152 -31.62 -0.52 -2.44
N ASP B 153 -32.55 0.15 -1.74
CA ASP B 153 -32.32 1.49 -1.21
C ASP B 153 -31.23 1.47 -0.13
N PRO B 154 -30.47 2.58 0.08
CA PRO B 154 -29.51 2.59 1.19
C PRO B 154 -30.25 2.42 2.53
N GLY B 155 -29.66 1.67 3.45
CA GLY B 155 -30.30 1.38 4.74
C GLY B 155 -30.98 0.03 4.70
N SER B 156 -31.04 -0.58 3.49
CA SER B 156 -31.61 -1.91 3.27
C SER B 156 -30.59 -2.79 2.51
N ALA B 157 -31.01 -3.97 2.07
CA ALA B 157 -30.20 -4.91 1.29
C ALA B 157 -31.09 -5.89 0.60
N PRO B 158 -30.75 -6.29 -0.65
CA PRO B 158 -31.50 -7.40 -1.27
C PRO B 158 -31.08 -8.72 -0.65
N GLU B 159 -31.83 -9.79 -0.92
CA GLU B 159 -31.46 -11.10 -0.42
C GLU B 159 -30.35 -11.71 -1.30
N PRO B 160 -29.35 -12.42 -0.71
CA PRO B 160 -28.38 -13.13 -1.56
C PRO B 160 -29.15 -14.08 -2.48
N GLN B 161 -28.83 -14.03 -3.79
CA GLN B 161 -29.51 -14.80 -4.82
C GLN B 161 -28.56 -15.15 -5.97
N THR B 162 -29.01 -16.02 -6.88
CA THR B 162 -28.19 -16.45 -8.01
C THR B 162 -28.95 -16.25 -9.33
N ASP B 163 -28.31 -16.63 -10.44
CA ASP B 163 -28.81 -16.57 -11.81
C ASP B 163 -28.09 -17.64 -12.61
N PRO B 164 -28.77 -18.36 -13.54
CA PRO B 164 -28.08 -19.42 -14.31
C PRO B 164 -26.94 -18.93 -15.23
N SER B 165 -26.96 -17.65 -15.65
CA SER B 165 -25.92 -17.11 -16.56
C SER B 165 -24.65 -16.57 -15.85
N VAL B 166 -24.58 -16.61 -14.51
CA VAL B 166 -23.42 -16.03 -13.82
C VAL B 166 -22.53 -17.11 -13.19
N ASP B 167 -21.22 -16.83 -13.10
CA ASP B 167 -20.23 -17.73 -12.52
C ASP B 167 -19.65 -17.10 -11.24
N VAL B 168 -20.10 -15.91 -10.88
CA VAL B 168 -19.70 -15.20 -9.66
C VAL B 168 -20.92 -14.47 -9.13
N ILE B 169 -21.12 -14.54 -7.79
CA ILE B 169 -22.17 -13.82 -7.06
C ILE B 169 -21.43 -12.99 -6.00
N ALA B 170 -21.65 -11.67 -6.02
CA ALA B 170 -20.94 -10.76 -5.14
C ALA B 170 -21.83 -9.79 -4.34
N TRP B 171 -21.49 -9.63 -3.06
CA TRP B 171 -22.11 -8.68 -2.14
C TRP B 171 -21.12 -8.35 -1.02
N ALA B 172 -21.44 -7.33 -0.25
CA ALA B 172 -20.64 -6.89 0.87
C ALA B 172 -21.17 -7.44 2.17
N HIS B 173 -20.27 -8.04 2.98
CA HIS B 173 -20.66 -8.52 4.30
C HIS B 173 -21.19 -7.33 5.12
N ASN B 174 -20.50 -6.20 5.04
CA ASN B 174 -20.80 -4.97 5.73
C ASN B 174 -20.66 -3.79 4.78
N GLU B 175 -21.77 -3.05 4.59
CA GLU B 175 -21.81 -1.84 3.77
C GLU B 175 -21.51 -0.68 4.70
N THR B 176 -20.28 -0.19 4.63
CA THR B 176 -19.73 0.82 5.52
C THR B 176 -20.43 2.17 5.39
N SER B 177 -20.99 2.47 4.21
CA SER B 177 -21.66 3.73 3.97
C SER B 177 -23.06 3.82 4.57
N THR B 178 -23.73 2.69 4.84
CA THR B 178 -25.12 2.71 5.35
C THR B 178 -25.30 1.99 6.70
N GLY B 179 -24.27 1.29 7.17
CA GLY B 179 -24.31 0.52 8.42
C GLY B 179 -25.17 -0.73 8.31
N VAL B 180 -25.16 -1.37 7.12
CA VAL B 180 -25.96 -2.57 6.89
C VAL B 180 -25.04 -3.77 6.83
N ALA B 181 -25.37 -4.82 7.62
CA ALA B 181 -24.67 -6.10 7.60
C ALA B 181 -25.61 -7.15 6.98
N VAL B 182 -25.07 -7.96 6.06
CA VAL B 182 -25.83 -8.98 5.32
C VAL B 182 -25.31 -10.36 5.70
N ALA B 183 -26.19 -11.36 5.71
CA ALA B 183 -25.80 -12.75 5.98
C ALA B 183 -24.84 -13.26 4.88
N VAL B 184 -23.89 -14.10 5.27
CA VAL B 184 -22.96 -14.68 4.32
C VAL B 184 -23.28 -16.18 4.21
N ARG B 185 -24.04 -16.52 3.19
CA ARG B 185 -24.46 -17.88 2.93
C ARG B 185 -24.45 -18.15 1.45
N ARG B 186 -24.10 -19.37 1.09
CA ARG B 186 -24.06 -19.83 -0.28
C ARG B 186 -25.52 -20.00 -0.74
N PRO B 187 -26.01 -19.20 -1.73
CA PRO B 187 -27.43 -19.33 -2.12
C PRO B 187 -27.77 -20.68 -2.74
N GLU B 188 -29.04 -21.10 -2.63
CA GLU B 188 -29.53 -22.36 -3.20
C GLU B 188 -29.45 -22.31 -4.73
N GLY B 189 -29.01 -23.41 -5.32
CA GLY B 189 -28.83 -23.57 -6.76
C GLY B 189 -27.72 -22.73 -7.36
N SER B 190 -26.70 -22.33 -6.55
CA SER B 190 -25.59 -21.49 -7.02
C SER B 190 -24.31 -22.29 -7.26
N ASP B 191 -24.44 -23.62 -7.47
CA ASP B 191 -23.35 -24.58 -7.67
C ASP B 191 -22.23 -24.12 -8.60
N ASP B 192 -22.59 -23.57 -9.76
CA ASP B 192 -21.64 -23.11 -10.77
C ASP B 192 -21.12 -21.66 -10.52
N ALA B 193 -21.32 -21.09 -9.32
CA ALA B 193 -20.87 -19.72 -9.09
C ALA B 193 -20.05 -19.54 -7.82
N LEU B 194 -19.00 -18.73 -7.91
CA LEU B 194 -18.18 -18.44 -6.73
C LEU B 194 -18.85 -17.33 -5.89
N VAL B 195 -18.81 -17.49 -4.57
CA VAL B 195 -19.34 -16.52 -3.59
C VAL B 195 -18.18 -15.55 -3.27
N VAL B 196 -18.30 -14.28 -3.72
CA VAL B 196 -17.24 -13.27 -3.61
C VAL B 196 -17.74 -12.14 -2.71
N ILE B 197 -17.22 -12.14 -1.50
CA ILE B 197 -17.66 -11.27 -0.40
C ILE B 197 -16.68 -10.20 -0.03
N ASP B 198 -17.14 -8.96 -0.15
CA ASP B 198 -16.41 -7.79 0.28
C ASP B 198 -16.65 -7.63 1.78
N ALA B 199 -15.71 -8.14 2.57
CA ALA B 199 -15.74 -8.10 4.02
C ALA B 199 -14.81 -7.04 4.56
N THR B 200 -14.45 -6.02 3.75
CA THR B 200 -13.50 -4.98 4.16
C THR B 200 -13.83 -4.44 5.56
N SER B 201 -15.08 -4.04 5.84
CA SER B 201 -15.41 -3.53 7.17
C SER B 201 -16.09 -4.60 8.07
N GLY B 202 -16.31 -5.81 7.53
CA GLY B 202 -16.96 -6.90 8.25
C GLY B 202 -16.04 -7.93 8.89
N ALA B 203 -15.00 -8.35 8.16
CA ALA B 203 -14.04 -9.38 8.55
C ALA B 203 -13.35 -9.07 9.89
N GLY B 204 -13.53 -10.00 10.85
CA GLY B 204 -12.94 -9.89 12.20
C GLY B 204 -13.85 -9.29 13.26
N GLY B 205 -15.01 -8.78 12.87
CA GLY B 205 -15.96 -8.18 13.81
C GLY B 205 -17.34 -8.79 13.74
N LEU B 206 -17.61 -9.53 12.65
CA LEU B 206 -18.91 -10.15 12.39
C LEU B 206 -18.74 -11.65 12.25
N PRO B 207 -19.79 -12.46 12.57
CA PRO B 207 -19.62 -13.91 12.41
C PRO B 207 -19.59 -14.28 10.92
N VAL B 208 -18.90 -15.38 10.60
CA VAL B 208 -18.86 -15.87 9.24
C VAL B 208 -18.51 -17.35 9.25
N ASP B 209 -19.18 -18.14 8.40
CA ASP B 209 -18.82 -19.51 8.10
C ASP B 209 -18.06 -19.42 6.77
N ILE B 210 -16.72 -19.48 6.80
CA ILE B 210 -15.87 -19.34 5.61
C ILE B 210 -16.21 -20.39 4.50
N ALA B 211 -16.69 -21.60 4.88
CA ALA B 211 -17.07 -22.65 3.93
C ALA B 211 -18.19 -22.19 2.96
N GLU B 212 -18.96 -21.15 3.35
CA GLU B 212 -20.03 -20.54 2.52
C GLU B 212 -19.44 -19.57 1.47
N THR B 213 -18.12 -19.30 1.53
CA THR B 213 -17.50 -18.32 0.64
C THR B 213 -16.45 -18.96 -0.29
N ASP B 214 -16.04 -18.22 -1.33
CA ASP B 214 -14.99 -18.63 -2.27
C ASP B 214 -13.93 -17.55 -2.28
N ALA B 215 -14.31 -16.31 -2.00
CA ALA B 215 -13.38 -15.18 -1.86
C ALA B 215 -13.96 -14.24 -0.82
N TYR B 216 -13.32 -14.19 0.36
CA TYR B 216 -13.72 -13.38 1.48
C TYR B 216 -12.58 -12.42 1.67
N TYR B 217 -12.75 -11.19 1.14
CA TYR B 217 -11.65 -10.23 1.09
C TYR B 217 -11.88 -9.01 1.93
N PHE B 218 -10.77 -8.37 2.29
CA PHE B 218 -10.78 -7.22 3.18
C PHE B 218 -9.46 -6.51 3.09
N ALA B 219 -9.34 -5.45 3.88
CA ALA B 219 -8.18 -4.60 4.01
C ALA B 219 -7.95 -4.44 5.55
N PRO B 220 -6.75 -4.03 6.03
CA PRO B 220 -6.50 -4.10 7.50
C PRO B 220 -6.98 -2.94 8.37
N GLN B 221 -7.47 -1.80 7.81
CA GLN B 221 -7.76 -0.56 8.56
C GLN B 221 -9.12 -0.51 9.30
N LYS B 222 -9.89 -1.62 9.36
CA LYS B 222 -11.17 -1.59 10.07
C LYS B 222 -11.09 -2.47 11.32
N ASN B 223 -11.70 -3.67 11.35
CA ASN B 223 -11.66 -4.56 12.52
C ASN B 223 -10.23 -4.98 12.87
N PHE B 224 -9.32 -5.02 11.86
CA PHE B 224 -7.93 -5.43 12.07
C PHE B 224 -7.04 -4.31 12.60
N ALA B 225 -7.61 -3.11 12.84
CA ALA B 225 -6.95 -1.95 13.48
C ALA B 225 -5.51 -1.67 12.94
N SER B 226 -5.30 -1.85 11.65
CA SER B 226 -3.99 -1.58 11.06
C SER B 226 -4.15 -0.48 10.01
N ASP B 227 -3.28 -0.43 8.98
CA ASP B 227 -3.34 0.61 7.95
C ASP B 227 -3.88 0.06 6.63
N GLY B 228 -4.34 0.96 5.74
CA GLY B 228 -4.77 0.59 4.40
C GLY B 228 -3.55 0.37 3.50
N GLY B 229 -3.81 -0.03 2.24
CA GLY B 229 -2.76 -0.25 1.24
C GLY B 229 -2.36 -1.68 1.04
N LEU B 230 -3.10 -2.59 1.68
CA LEU B 230 -2.90 -4.04 1.52
C LEU B 230 -4.25 -4.71 1.44
N TRP B 231 -4.40 -5.66 0.51
CA TRP B 231 -5.64 -6.42 0.47
C TRP B 231 -5.33 -7.83 0.91
N LEU B 232 -6.32 -8.46 1.56
CA LEU B 232 -6.24 -9.85 1.99
C LEU B 232 -7.46 -10.56 1.49
N ALA B 233 -7.31 -11.80 1.04
CA ALA B 233 -8.44 -12.55 0.53
C ALA B 233 -8.35 -14.01 0.92
N ILE B 234 -9.36 -14.52 1.67
CA ILE B 234 -9.47 -15.93 2.04
C ILE B 234 -10.10 -16.60 0.84
N MET B 235 -9.35 -17.51 0.21
CA MET B 235 -9.84 -18.16 -1.01
CA MET B 235 -9.79 -18.17 -1.02
C MET B 235 -10.02 -19.67 -0.86
N SER B 236 -11.13 -20.17 -1.42
CA SER B 236 -11.49 -21.58 -1.43
C SER B 236 -10.72 -22.33 -2.53
N PRO B 237 -10.63 -23.69 -2.45
CA PRO B 237 -10.03 -24.44 -3.57
C PRO B 237 -10.71 -24.15 -4.91
N ALA B 238 -12.07 -23.97 -4.95
CA ALA B 238 -12.75 -23.65 -6.21
C ALA B 238 -12.29 -22.29 -6.77
N ALA B 239 -12.14 -21.26 -5.91
CA ALA B 239 -11.68 -19.92 -6.35
C ALA B 239 -10.24 -20.00 -6.88
N LEU B 240 -9.35 -20.72 -6.17
CA LEU B 240 -7.94 -20.87 -6.59
C LEU B 240 -7.84 -21.60 -7.95
N SER B 241 -8.68 -22.63 -8.15
CA SER B 241 -8.75 -23.40 -9.40
CA SER B 241 -8.73 -23.39 -9.41
C SER B 241 -9.27 -22.50 -10.52
N ARG B 242 -10.24 -21.63 -10.21
CA ARG B 242 -10.81 -20.69 -11.16
C ARG B 242 -9.74 -19.69 -11.63
N ILE B 243 -8.96 -19.14 -10.68
CA ILE B 243 -7.88 -18.19 -10.99
C ILE B 243 -6.89 -18.83 -11.97
N GLU B 244 -6.54 -20.09 -11.72
CA GLU B 244 -5.62 -20.84 -12.56
C GLU B 244 -6.22 -21.06 -13.95
N ALA B 245 -7.54 -21.44 -14.03
CA ALA B 245 -8.23 -21.72 -15.29
C ALA B 245 -8.35 -20.47 -16.13
N ILE B 246 -8.66 -19.32 -15.51
CA ILE B 246 -8.74 -18.05 -16.23
C ILE B 246 -7.33 -17.67 -16.75
N ALA B 247 -6.26 -17.83 -15.93
CA ALA B 247 -4.89 -17.54 -16.40
C ALA B 247 -4.52 -18.43 -17.62
N ALA B 248 -4.91 -19.72 -17.56
CA ALA B 248 -4.66 -20.73 -18.60
C ALA B 248 -5.35 -20.40 -19.93
N THR B 249 -6.36 -19.48 -19.95
CA THR B 249 -6.99 -19.05 -21.22
C THR B 249 -6.10 -18.06 -21.98
N GLY B 250 -5.10 -17.50 -21.30
CA GLY B 250 -4.20 -16.49 -21.87
C GLY B 250 -4.72 -15.08 -21.70
N ARG B 251 -5.84 -14.89 -20.96
CA ARG B 251 -6.43 -13.57 -20.71
C ARG B 251 -5.36 -12.65 -20.10
N TRP B 252 -5.20 -11.44 -20.67
CA TRP B 252 -4.22 -10.49 -20.17
C TRP B 252 -4.74 -9.86 -18.88
N VAL B 253 -3.81 -9.54 -17.98
CA VAL B 253 -4.09 -8.82 -16.74
C VAL B 253 -2.82 -8.00 -16.45
N PRO B 254 -2.94 -6.70 -16.10
CA PRO B 254 -1.75 -5.97 -15.65
C PRO B 254 -1.18 -6.72 -14.46
N ASP B 255 0.15 -6.95 -14.42
CA ASP B 255 0.81 -7.74 -13.37
C ASP B 255 0.48 -7.28 -11.95
N PHE B 256 0.38 -5.96 -11.73
CA PHE B 256 0.05 -5.46 -10.39
C PHE B 256 -1.31 -6.01 -9.89
N LEU B 257 -2.26 -6.24 -10.80
CA LEU B 257 -3.60 -6.72 -10.45
C LEU B 257 -3.76 -8.22 -10.71
N SER B 258 -2.66 -8.92 -10.91
CA SER B 258 -2.74 -10.33 -11.23
C SER B 258 -2.94 -11.20 -9.98
N LEU B 259 -4.09 -11.89 -9.89
CA LEU B 259 -4.41 -12.84 -8.84
C LEU B 259 -3.54 -14.09 -9.01
N PRO B 260 -3.24 -14.62 -10.22
CA PRO B 260 -2.29 -15.77 -10.30
C PRO B 260 -0.92 -15.44 -9.69
N ILE B 261 -0.37 -14.23 -9.95
CA ILE B 261 0.92 -13.83 -9.40
C ILE B 261 0.80 -13.62 -7.86
N ALA B 262 -0.32 -13.03 -7.40
CA ALA B 262 -0.54 -12.81 -5.97
C ALA B 262 -0.63 -14.17 -5.23
N VAL B 263 -1.27 -15.19 -5.85
CA VAL B 263 -1.39 -16.54 -5.28
C VAL B 263 0.02 -17.20 -5.18
N GLU B 264 0.78 -17.17 -6.28
CA GLU B 264 2.13 -17.74 -6.40
C GLU B 264 3.03 -17.20 -5.27
N ASN B 265 3.02 -15.87 -5.09
CA ASN B 265 3.80 -15.20 -4.06
C ASN B 265 3.24 -15.48 -2.66
N SER B 266 1.89 -15.37 -2.44
CA SER B 266 1.28 -15.59 -1.11
C SER B 266 1.60 -16.98 -0.53
N LEU B 267 1.57 -18.02 -1.38
CA LEU B 267 1.87 -19.39 -0.95
C LEU B 267 3.30 -19.53 -0.42
N LYS B 268 4.20 -18.56 -0.71
CA LYS B 268 5.57 -18.62 -0.21
C LYS B 268 5.89 -17.38 0.68
N ASN B 269 4.85 -16.88 1.39
CA ASN B 269 4.91 -15.76 2.37
C ASN B 269 5.47 -14.47 1.78
N GLN B 270 5.04 -14.17 0.55
CA GLN B 270 5.44 -12.98 -0.16
C GLN B 270 4.28 -12.34 -0.89
N THR B 271 4.49 -11.13 -1.35
CA THR B 271 3.58 -10.36 -2.20
C THR B 271 4.32 -10.12 -3.50
N TYR B 272 3.62 -9.68 -4.54
CA TYR B 272 4.26 -9.41 -5.82
C TYR B 272 5.30 -8.29 -5.67
N ASN B 273 4.92 -7.15 -5.09
CA ASN B 273 5.90 -6.08 -4.96
C ASN B 273 6.09 -5.78 -3.47
N THR B 274 6.83 -4.71 -3.12
CA THR B 274 7.21 -4.44 -1.73
C THR B 274 6.01 -4.08 -0.83
N PRO B 275 5.72 -4.89 0.20
CA PRO B 275 4.64 -4.52 1.12
C PRO B 275 5.15 -3.64 2.26
N ALA B 276 4.23 -2.95 2.93
CA ALA B 276 4.56 -2.14 4.10
C ALA B 276 4.74 -3.06 5.29
N ILE B 277 5.91 -2.98 5.94
CA ILE B 277 6.22 -3.78 7.13
C ILE B 277 5.31 -3.32 8.31
N ALA B 278 5.10 -2.00 8.48
CA ALA B 278 4.20 -1.51 9.55
C ALA B 278 2.76 -2.06 9.40
N THR B 279 2.23 -2.16 8.15
CA THR B 279 0.87 -2.68 7.93
C THR B 279 0.77 -4.15 8.39
N LEU B 280 1.79 -4.95 8.05
CA LEU B 280 1.84 -6.36 8.42
C LEU B 280 2.04 -6.54 9.93
N ALA B 281 2.89 -5.71 10.54
CA ALA B 281 3.23 -5.79 11.97
C ALA B 281 2.04 -5.40 12.85
N LEU B 282 1.26 -4.40 12.44
CA LEU B 282 0.07 -4.00 13.19
C LEU B 282 -1.05 -5.01 13.04
N LEU B 283 -1.19 -5.56 11.83
CA LEU B 283 -2.20 -6.56 11.51
C LEU B 283 -1.95 -7.85 12.33
N ALA B 284 -0.71 -8.38 12.31
CA ALA B 284 -0.35 -9.60 13.05
C ALA B 284 -0.61 -9.41 14.57
N GLU B 285 -0.35 -8.20 15.12
CA GLU B 285 -0.56 -7.95 16.54
CA GLU B 285 -0.58 -7.94 16.55
C GLU B 285 -2.06 -8.02 16.87
N GLN B 286 -2.91 -7.40 16.02
CA GLN B 286 -4.36 -7.40 16.21
C GLN B 286 -4.91 -8.82 16.11
N ILE B 287 -4.46 -9.60 15.09
CA ILE B 287 -4.85 -11.01 14.89
C ILE B 287 -4.50 -11.81 16.15
N ASP B 288 -3.27 -11.62 16.66
CA ASP B 288 -2.80 -12.32 17.86
C ASP B 288 -3.67 -11.95 19.05
N TRP B 289 -3.99 -10.64 19.21
CA TRP B 289 -4.82 -10.13 20.31
C TRP B 289 -6.25 -10.75 20.26
N LEU B 290 -6.85 -10.81 19.05
CA LEU B 290 -8.18 -11.39 18.85
C LEU B 290 -8.22 -12.87 19.19
N VAL B 291 -7.22 -13.65 18.68
CA VAL B 291 -7.11 -15.11 18.90
C VAL B 291 -6.92 -15.40 20.42
N GLY B 292 -5.99 -14.72 21.06
CA GLY B 292 -5.72 -14.87 22.49
C GLY B 292 -6.93 -14.55 23.36
N ASN B 293 -7.84 -13.65 22.90
CA ASN B 293 -9.04 -13.23 23.64
C ASN B 293 -10.21 -14.23 23.50
N GLY B 294 -10.07 -15.19 22.60
CA GLY B 294 -11.11 -16.19 22.35
C GLY B 294 -11.54 -16.30 20.90
N GLY B 295 -10.82 -15.60 20.01
CA GLY B 295 -11.09 -15.63 18.57
C GLY B 295 -12.28 -14.82 18.09
N LEU B 296 -12.83 -15.22 16.93
CA LEU B 296 -13.93 -14.54 16.27
C LEU B 296 -15.19 -14.45 17.16
N ASP B 297 -15.50 -15.53 17.93
CA ASP B 297 -16.62 -15.56 18.88
C ASP B 297 -16.48 -14.45 19.91
N TRP B 298 -15.27 -14.21 20.41
CA TRP B 298 -15.03 -13.10 21.35
C TRP B 298 -15.25 -11.73 20.67
N ALA B 299 -14.71 -11.55 19.44
CA ALA B 299 -14.82 -10.28 18.68
C ALA B 299 -16.28 -9.93 18.41
N VAL B 300 -17.09 -10.94 18.02
CA VAL B 300 -18.52 -10.83 17.72
C VAL B 300 -19.29 -10.47 18.99
N LYS B 301 -18.92 -11.05 20.15
CA LYS B 301 -19.57 -10.70 21.42
C LYS B 301 -19.26 -9.26 21.79
N ARG B 302 -18.02 -8.83 21.55
CA ARG B 302 -17.55 -7.47 21.82
C ARG B 302 -18.29 -6.43 20.93
N THR B 303 -18.42 -6.69 19.62
CA THR B 303 -19.11 -5.75 18.74
C THR B 303 -20.61 -5.78 19.02
N ALA B 304 -21.17 -6.94 19.48
CA ALA B 304 -22.60 -7.05 19.85
C ALA B 304 -22.88 -6.17 21.05
N ASP B 305 -21.95 -6.18 22.02
CA ASP B 305 -22.01 -5.38 23.24
C ASP B 305 -21.95 -3.89 22.91
N SER B 306 -20.94 -3.46 22.11
CA SER B 306 -20.82 -2.05 21.71
C SER B 306 -22.07 -1.57 20.96
N SER B 307 -22.51 -2.34 19.93
CA SER B 307 -23.66 -1.96 19.08
C SER B 307 -25.00 -1.95 19.84
N GLN B 308 -25.19 -2.89 20.81
CA GLN B 308 -26.38 -2.89 21.68
C GLN B 308 -26.47 -1.54 22.41
N ARG B 309 -25.32 -1.00 22.90
CA ARG B 309 -25.30 0.27 23.61
C ARG B 309 -25.72 1.41 22.70
N LEU B 310 -25.21 1.42 21.47
CA LEU B 310 -25.53 2.46 20.50
C LEU B 310 -26.98 2.40 20.06
N TYR B 311 -27.47 1.21 19.64
CA TYR B 311 -28.85 1.10 19.12
C TYR B 311 -29.90 1.33 20.21
N SER B 312 -29.70 0.80 21.44
CA SER B 312 -30.67 1.02 22.53
CA SER B 312 -30.65 1.03 22.54
C SER B 312 -30.76 2.52 22.86
N TRP B 313 -29.63 3.24 22.87
CA TRP B 313 -29.62 4.68 23.12
C TRP B 313 -30.38 5.44 22.00
N ALA B 314 -30.15 5.05 20.73
CA ALA B 314 -30.78 5.68 19.56
C ALA B 314 -32.31 5.50 19.60
N GLN B 315 -32.76 4.35 20.08
CA GLN B 315 -34.17 4.04 20.24
C GLN B 315 -34.79 4.85 21.38
N GLU B 316 -34.08 4.97 22.51
CA GLU B 316 -34.52 5.72 23.71
C GLU B 316 -34.68 7.21 23.48
N ARG B 317 -33.75 7.84 22.75
CA ARG B 317 -33.79 9.29 22.59
C ARG B 317 -34.82 9.69 21.51
N PRO B 318 -35.65 10.72 21.78
CA PRO B 318 -36.69 11.11 20.80
C PRO B 318 -36.14 11.90 19.61
N TYR B 319 -34.87 12.32 19.67
N TYR B 319 -34.87 12.32 19.67
CA TYR B 319 -34.24 13.07 18.59
CA TYR B 319 -34.22 13.07 18.59
C TYR B 319 -33.39 12.17 17.67
C TYR B 319 -33.32 12.18 17.71
N THR B 320 -33.31 10.85 17.98
CA THR B 320 -32.53 9.86 17.21
C THR B 320 -33.39 8.68 16.78
N THR B 321 -32.88 7.92 15.79
CA THR B 321 -33.46 6.67 15.31
C THR B 321 -32.42 5.94 14.44
N PRO B 322 -32.28 4.60 14.53
CA PRO B 322 -31.35 3.91 13.62
C PRO B 322 -31.82 4.07 12.17
N PHE B 323 -30.90 4.42 11.27
CA PHE B 323 -31.15 4.57 9.83
C PHE B 323 -31.68 3.25 9.25
N VAL B 324 -31.12 2.14 9.71
CA VAL B 324 -31.49 0.79 9.27
C VAL B 324 -32.74 0.38 10.08
N THR B 325 -33.92 0.28 9.39
CA THR B 325 -35.18 -0.02 10.08
C THR B 325 -35.30 -1.51 10.41
N ASP B 326 -34.67 -2.38 9.61
CA ASP B 326 -34.71 -3.82 9.86
C ASP B 326 -33.64 -4.15 10.88
N PRO B 327 -34.02 -4.55 12.13
CA PRO B 327 -32.98 -4.83 13.14
C PRO B 327 -32.06 -5.97 12.73
N GLY B 328 -32.55 -6.87 11.87
CA GLY B 328 -31.77 -7.99 11.34
C GLY B 328 -30.62 -7.55 10.44
N LEU B 329 -30.68 -6.30 9.90
CA LEU B 329 -29.65 -5.74 9.00
C LEU B 329 -28.74 -4.73 9.70
N ARG B 330 -29.05 -4.41 10.97
CA ARG B 330 -28.27 -3.44 11.75
C ARG B 330 -26.89 -3.99 12.05
N SER B 331 -25.86 -3.38 11.46
CA SER B 331 -24.46 -3.79 11.64
C SER B 331 -24.01 -3.64 13.09
N GLN B 332 -23.29 -4.64 13.58
CA GLN B 332 -22.68 -4.64 14.90
C GLN B 332 -21.40 -3.80 14.93
N VAL B 333 -20.80 -3.54 13.76
CA VAL B 333 -19.52 -2.84 13.62
C VAL B 333 -19.62 -1.38 13.15
N VAL B 334 -20.68 -1.01 12.38
CA VAL B 334 -20.85 0.36 11.85
C VAL B 334 -22.30 0.75 12.06
N GLY B 335 -22.53 1.69 12.96
CA GLY B 335 -23.89 2.13 13.29
C GLY B 335 -24.27 3.48 12.74
N THR B 336 -25.29 3.51 11.86
CA THR B 336 -25.77 4.76 11.28
C THR B 336 -27.02 5.22 12.06
N ILE B 337 -26.91 6.38 12.73
CA ILE B 337 -27.98 6.91 13.56
C ILE B 337 -28.49 8.19 12.97
N ASP B 338 -29.74 8.17 12.51
CA ASP B 338 -30.38 9.37 11.98
C ASP B 338 -30.83 10.30 13.09
N PHE B 339 -30.81 11.61 12.81
CA PHE B 339 -31.25 12.62 13.74
C PHE B 339 -32.48 13.31 13.15
N VAL B 340 -33.44 13.73 14.01
CA VAL B 340 -34.62 14.48 13.57
C VAL B 340 -34.19 15.87 13.04
N ASP B 341 -35.03 16.50 12.19
CA ASP B 341 -34.80 17.80 11.56
C ASP B 341 -34.21 18.86 12.49
N ASP B 342 -34.83 19.05 13.67
CA ASP B 342 -34.46 20.10 14.61
C ASP B 342 -33.14 19.84 15.35
N VAL B 343 -32.55 18.64 15.20
CA VAL B 343 -31.23 18.40 15.81
C VAL B 343 -30.24 18.17 14.68
N ASP B 344 -29.37 19.16 14.49
CA ASP B 344 -28.40 19.14 13.43
C ASP B 344 -27.22 18.19 13.79
N ALA B 345 -27.20 16.98 13.20
CA ALA B 345 -26.12 15.98 13.44
C ALA B 345 -24.71 16.54 13.02
N GLY B 346 -24.67 17.37 11.99
CA GLY B 346 -23.44 18.00 11.49
C GLY B 346 -22.81 18.90 12.54
N THR B 347 -23.65 19.67 13.25
CA THR B 347 -23.22 20.54 14.36
C THR B 347 -22.73 19.68 15.50
N VAL B 348 -23.44 18.57 15.80
CA VAL B 348 -23.03 17.64 16.84
C VAL B 348 -21.64 17.07 16.52
N ALA B 349 -21.46 16.58 15.26
CA ALA B 349 -20.20 16.00 14.80
C ALA B 349 -19.04 17.01 14.93
N LYS B 350 -19.28 18.29 14.55
CA LYS B 350 -18.30 19.38 14.63
C LYS B 350 -17.85 19.63 16.06
N ILE B 351 -18.82 19.69 16.99
CA ILE B 351 -18.54 19.92 18.42
C ILE B 351 -17.76 18.74 18.97
N LEU B 352 -18.19 17.49 18.64
CA LEU B 352 -17.49 16.29 19.08
C LEU B 352 -16.04 16.34 18.61
N ARG B 353 -15.81 16.63 17.30
CA ARG B 353 -14.48 16.74 16.67
C ARG B 353 -13.62 17.78 17.41
N ALA B 354 -14.21 18.96 17.75
CA ALA B 354 -13.47 20.01 18.45
C ALA B 354 -13.11 19.55 19.89
N ASN B 355 -13.77 18.49 20.40
CA ASN B 355 -13.50 17.92 21.71
C ASN B 355 -12.70 16.61 21.62
N GLY B 356 -12.10 16.35 20.45
CA GLY B 356 -11.28 15.18 20.21
C GLY B 356 -12.04 13.88 19.99
N ILE B 357 -13.37 13.95 19.73
CA ILE B 357 -14.22 12.77 19.48
C ILE B 357 -14.45 12.83 17.98
N VAL B 358 -13.65 12.06 17.23
CA VAL B 358 -13.58 12.23 15.78
C VAL B 358 -14.20 11.13 14.96
N ASP B 359 -14.42 11.50 13.69
CA ASP B 359 -14.87 10.71 12.56
C ASP B 359 -16.25 10.07 12.77
N THR B 360 -17.21 10.85 13.33
CA THR B 360 -18.59 10.38 13.49
C THR B 360 -19.42 10.89 12.30
N GLU B 361 -18.80 11.68 11.37
CA GLU B 361 -19.44 12.24 10.19
C GLU B 361 -19.99 11.11 9.31
N PRO B 362 -21.23 11.26 8.74
CA PRO B 362 -21.78 10.18 7.92
C PRO B 362 -21.01 10.01 6.62
N TYR B 363 -21.30 8.93 5.86
CA TYR B 363 -20.63 8.74 4.59
C TYR B 363 -20.85 10.02 3.74
N ARG B 364 -19.72 10.64 3.35
CA ARG B 364 -19.62 11.92 2.65
C ARG B 364 -20.56 12.09 1.45
N LYS B 365 -21.03 10.99 0.82
CA LYS B 365 -21.93 11.08 -0.35
C LYS B 365 -23.40 10.74 -0.04
N LEU B 366 -23.73 10.24 1.18
CA LEU B 366 -25.09 9.84 1.57
C LEU B 366 -26.07 11.04 1.70
N GLY B 367 -25.58 12.20 2.16
CA GLY B 367 -26.36 13.43 2.31
C GLY B 367 -27.50 13.40 3.32
N ARG B 368 -27.31 12.72 4.47
CA ARG B 368 -28.32 12.60 5.53
C ARG B 368 -27.90 13.31 6.83
N ASN B 369 -28.90 13.66 7.65
CA ASN B 369 -28.72 14.27 8.96
C ASN B 369 -28.51 13.11 9.90
N GLN B 370 -27.24 12.66 9.96
CA GLN B 370 -26.86 11.41 10.58
C GLN B 370 -25.48 11.41 11.18
N LEU B 371 -25.25 10.50 12.14
CA LEU B 371 -23.92 10.19 12.67
C LEU B 371 -23.61 8.76 12.30
N ARG B 372 -22.33 8.45 12.05
CA ARG B 372 -21.89 7.08 11.76
C ARG B 372 -20.78 6.73 12.74
N VAL B 373 -21.03 5.69 13.54
CA VAL B 373 -20.14 5.30 14.65
C VAL B 373 -19.57 3.92 14.45
N ALA B 374 -18.24 3.81 14.41
CA ALA B 374 -17.59 2.48 14.27
C ALA B 374 -17.41 1.84 15.64
N MET B 375 -17.60 0.52 15.69
CA MET B 375 -17.55 -0.24 16.94
C MET B 375 -16.76 -1.55 16.76
N PHE B 376 -15.69 -1.49 15.93
CA PHE B 376 -14.74 -2.58 15.69
C PHE B 376 -14.16 -3.06 17.03
N PRO B 377 -13.67 -4.32 17.15
CA PRO B 377 -13.22 -4.84 18.46
C PRO B 377 -12.22 -3.98 19.24
N ALA B 378 -11.35 -3.15 18.59
CA ALA B 378 -10.42 -2.28 19.35
C ALA B 378 -11.21 -1.24 20.16
N VAL B 379 -12.40 -0.82 19.65
CA VAL B 379 -13.28 0.17 20.30
C VAL B 379 -13.85 -0.48 21.56
N GLU B 380 -13.65 0.18 22.71
CA GLU B 380 -14.14 -0.36 23.98
C GLU B 380 -15.64 -0.10 24.11
N PRO B 381 -16.47 -1.13 24.43
CA PRO B 381 -17.92 -0.92 24.57
C PRO B 381 -18.28 0.25 25.50
N ASP B 382 -17.53 0.45 26.61
CA ASP B 382 -17.74 1.57 27.53
C ASP B 382 -17.53 2.93 26.86
N ASP B 383 -16.66 2.98 25.85
CA ASP B 383 -16.40 4.24 25.12
C ASP B 383 -17.60 4.57 24.20
N VAL B 384 -18.33 3.53 23.73
CA VAL B 384 -19.56 3.73 22.92
C VAL B 384 -20.60 4.34 23.86
N SER B 385 -20.72 3.80 25.09
CA SER B 385 -21.62 4.35 26.12
C SER B 385 -21.25 5.81 26.42
N ALA B 386 -19.94 6.10 26.56
CA ALA B 386 -19.47 7.46 26.87
C ALA B 386 -19.80 8.42 25.75
N LEU B 387 -19.64 7.96 24.48
CA LEU B 387 -19.99 8.73 23.29
C LEU B 387 -21.48 9.15 23.32
N THR B 388 -22.39 8.19 23.62
CA THR B 388 -23.84 8.50 23.66
C THR B 388 -24.12 9.59 24.72
N GLU B 389 -23.43 9.53 25.88
CA GLU B 389 -23.58 10.52 26.95
CA GLU B 389 -23.59 10.52 26.95
C GLU B 389 -23.07 11.89 26.49
N CYS B 390 -21.96 11.90 25.72
CA CYS B 390 -21.37 13.15 25.15
C CYS B 390 -22.33 13.75 24.14
N VAL B 391 -22.99 12.90 23.32
CA VAL B 391 -23.98 13.38 22.32
C VAL B 391 -25.16 14.01 23.09
N ASP B 392 -25.70 13.33 24.15
CA ASP B 392 -26.81 13.88 24.97
C ASP B 392 -26.44 15.25 25.53
N TRP B 393 -25.23 15.35 26.13
CA TRP B 393 -24.71 16.58 26.74
C TRP B 393 -24.67 17.74 25.73
N VAL B 394 -24.15 17.49 24.52
CA VAL B 394 -24.04 18.50 23.48
C VAL B 394 -25.44 18.94 22.99
N VAL B 395 -26.31 17.95 22.67
CA VAL B 395 -27.66 18.18 22.15
C VAL B 395 -28.45 19.07 23.13
N GLU B 396 -28.37 18.79 24.44
CA GLU B 396 -29.04 19.57 25.50
C GLU B 396 -28.54 21.04 25.57
N ARG B 397 -27.39 21.35 24.95
CA ARG B 397 -26.84 22.71 24.98
C ARG B 397 -26.84 23.38 23.60
N LEU B 398 -27.49 22.75 22.61
CA LEU B 398 -27.63 23.35 21.27
C LEU B 398 -28.77 24.37 21.26
#